data_9IF1
# 
_entry.id   9IF1 
# 
_audit_conform.dict_name       mmcif_pdbx.dic 
_audit_conform.dict_version    5.406 
_audit_conform.dict_location   http://mmcif.pdb.org/dictionaries/ascii/mmcif_pdbx.dic 
# 
loop_
_database_2.database_id 
_database_2.database_code 
_database_2.pdbx_database_accession 
_database_2.pdbx_DOI 
PDB   9IF1         pdb_00009if1 10.2210/pdb9if1/pdb 
WWPDB D_1292145123 ?            ?                   
# 
loop_
_pdbx_audit_revision_history.ordinal 
_pdbx_audit_revision_history.data_content_type 
_pdbx_audit_revision_history.major_revision 
_pdbx_audit_revision_history.minor_revision 
_pdbx_audit_revision_history.revision_date 
_pdbx_audit_revision_history.part_number 
1 'Structure model' 1 0 2025-09-24 ? 
2 'Structure model' 1 1 2025-10-01 ? 
# 
_pdbx_audit_revision_details.ordinal             1 
_pdbx_audit_revision_details.revision_ordinal    1 
_pdbx_audit_revision_details.data_content_type   'Structure model' 
_pdbx_audit_revision_details.provider            repository 
_pdbx_audit_revision_details.type                'Initial release' 
_pdbx_audit_revision_details.description         ? 
_pdbx_audit_revision_details.details             ? 
# 
_pdbx_audit_revision_group.ordinal             1 
_pdbx_audit_revision_group.revision_ordinal    2 
_pdbx_audit_revision_group.data_content_type   'Structure model' 
_pdbx_audit_revision_group.group               'Database references' 
# 
loop_
_pdbx_audit_revision_category.ordinal 
_pdbx_audit_revision_category.revision_ordinal 
_pdbx_audit_revision_category.data_content_type 
_pdbx_audit_revision_category.category 
1 2 'Structure model' citation        
2 2 'Structure model' citation_author 
# 
loop_
_pdbx_audit_revision_item.ordinal 
_pdbx_audit_revision_item.revision_ordinal 
_pdbx_audit_revision_item.data_content_type 
_pdbx_audit_revision_item.item 
1  2 'Structure model' '_citation.country'                 
2  2 'Structure model' '_citation.journal_abbrev'          
3  2 'Structure model' '_citation.journal_id_ASTM'         
4  2 'Structure model' '_citation.journal_id_CSD'          
5  2 'Structure model' '_citation.journal_id_ISSN'         
6  2 'Structure model' '_citation.journal_volume'          
7  2 'Structure model' '_citation.pdbx_database_id_DOI'    
8  2 'Structure model' '_citation.pdbx_database_id_PubMed' 
9  2 'Structure model' '_citation.title'                   
10 2 'Structure model' '_citation.year'                    
# 
_pdbx_database_status.status_code                     REL 
_pdbx_database_status.status_code_sf                  REL 
_pdbx_database_status.status_code_mr                  ? 
_pdbx_database_status.entry_id                        9IF1 
_pdbx_database_status.recvd_initial_deposition_date   2025-02-17 
_pdbx_database_status.SG_entry                        N 
_pdbx_database_status.deposit_site                    PDBE 
_pdbx_database_status.process_site                    PDBE 
_pdbx_database_status.status_code_cs                  ? 
_pdbx_database_status.status_code_nmr_data            ? 
_pdbx_database_status.methods_development_category    ? 
_pdbx_database_status.pdb_format_compatible           N 
# 
_pdbx_database_related.db_name        PDB 
_pdbx_database_related.details        'Liganded structure of RNA duplex containing UGGAA motif interacting with NCD molecule' 
_pdbx_database_related.db_id          9IF0 
_pdbx_database_related.content_type   unspecified 
# 
_pdbx_contact_author.id                 2 
_pdbx_contact_author.email              mpluta@ibch.poznan.pl 
_pdbx_contact_author.name_first         Martyna 
_pdbx_contact_author.name_last          Mateja-Pluta 
_pdbx_contact_author.name_mi            ? 
_pdbx_contact_author.role               'principal investigator/group leader' 
_pdbx_contact_author.identifier_ORCID   0000-0002-6570-6229 
# 
loop_
_audit_author.name 
_audit_author.pdbx_ordinal 
_audit_author.identifier_ORCID 
'Mateja-Pluta, M.' 1 0000-0002-6570-6229 
'Kiliszek, A.'     2 0000-0002-2871-7535 
# 
_citation.abstract                  ? 
_citation.abstract_id_CAS           ? 
_citation.book_id_ISBN              ? 
_citation.book_publisher            ? 
_citation.book_publisher_city       ? 
_citation.book_title                ? 
_citation.coordinate_linkage        ? 
_citation.country                   UK 
_citation.database_id_Medline       ? 
_citation.details                   ? 
_citation.id                        primary 
_citation.journal_abbrev            'Nucleic Acids Res.' 
_citation.journal_id_ASTM           NARHAD 
_citation.journal_id_CSD            0389 
_citation.journal_id_ISSN           1362-4962 
_citation.journal_full              ? 
_citation.journal_issue             ? 
_citation.journal_volume            53 
_citation.language                  ? 
_citation.page_first                ? 
_citation.page_last                 ? 
_citation.title                     
;Naphthyridine carbamate dimer ligand induces formation of Z-RNA-like fold of disease-related RNA and exhibits a molecular glue characteristics in crystal lattice formation.
;
_citation.year                      2025 
_citation.database_id_CSD           ? 
_citation.pdbx_database_id_DOI      10.1093/nar/gkaf924 
_citation.pdbx_database_id_PubMed   40966516 
_citation.pdbx_database_id_patent   ? 
_citation.unpublished_flag          ? 
# 
loop_
_citation_author.citation_id 
_citation_author.name 
_citation_author.ordinal 
_citation_author.identifier_ORCID 
primary 'Mateja-Pluta, M.' 1 ?                   
primary 'Blaszczyk, L.'    2 ?                   
primary 'Bejger, M.'       3 ?                   
primary 'Nakatani, K.'     4 0000-0002-1705-5265 
primary 'Kiliszek, A.'     5 0000-0002-2871-7535 
# 
loop_
_entity.id 
_entity.type 
_entity.src_method 
_entity.pdbx_description 
_entity.formula_weight 
_entity.pdbx_number_of_molecules 
_entity.pdbx_ec 
_entity.pdbx_mutation 
_entity.pdbx_fragment 
_entity.details 
1 polymer     syn 
;RNA (5'-R(*GP*GP*CP*AP*CP*UP*GP*GP*AP*AP*GP*UP*GP*CP*C)-3')
;
4846.953 2 ? ? ? ? 
2 non-polymer syn 'COBALT HEXAMMINE(III)'                                       161.116  1 ? ? ? ? 
3 water       nat water                                                         18.015   6 ? ? ? ? 
# 
_entity_poly.entity_id                      1 
_entity_poly.type                           polyribonucleotide 
_entity_poly.nstd_linkage                   no 
_entity_poly.nstd_monomer                   no 
_entity_poly.pdbx_seq_one_letter_code       GGCACUGGAAGUGCC 
_entity_poly.pdbx_seq_one_letter_code_can   GGCACUGGAAGUGCC 
_entity_poly.pdbx_strand_id                 AAA,BBB 
_entity_poly.pdbx_target_identifier         ? 
# 
loop_
_pdbx_entity_nonpoly.entity_id 
_pdbx_entity_nonpoly.name 
_pdbx_entity_nonpoly.comp_id 
2 'COBALT HEXAMMINE(III)' NCO 
3 water                   HOH 
# 
loop_
_entity_poly_seq.entity_id 
_entity_poly_seq.num 
_entity_poly_seq.mon_id 
_entity_poly_seq.hetero 
1 1  G n 
1 2  G n 
1 3  C n 
1 4  A n 
1 5  C n 
1 6  U n 
1 7  G n 
1 8  G n 
1 9  A n 
1 10 A n 
1 11 G n 
1 12 U n 
1 13 G n 
1 14 C n 
1 15 C n 
# 
_pdbx_entity_src_syn.entity_id              1 
_pdbx_entity_src_syn.pdbx_src_id            1 
_pdbx_entity_src_syn.pdbx_alt_source_flag   sample 
_pdbx_entity_src_syn.pdbx_beg_seq_num       1 
_pdbx_entity_src_syn.pdbx_end_seq_num       15 
_pdbx_entity_src_syn.organism_scientific    'Homo sapiens' 
_pdbx_entity_src_syn.organism_common_name   ? 
_pdbx_entity_src_syn.ncbi_taxonomy_id       9606 
_pdbx_entity_src_syn.details                ? 
# 
loop_
_chem_comp.id 
_chem_comp.type 
_chem_comp.mon_nstd_flag 
_chem_comp.name 
_chem_comp.pdbx_synonyms 
_chem_comp.formula 
_chem_comp.formula_weight 
A   'RNA linking' y "ADENOSINE-5'-MONOPHOSPHATE" ? 'C10 H14 N5 O7 P' 347.221 
C   'RNA linking' y "CYTIDINE-5'-MONOPHOSPHATE"  ? 'C9 H14 N3 O8 P'  323.197 
G   'RNA linking' y "GUANOSINE-5'-MONOPHOSPHATE" ? 'C10 H14 N5 O8 P' 363.221 
HOH non-polymer   . WATER                        ? 'H2 O'            18.015  
NCO non-polymer   . 'COBALT HEXAMMINE(III)'      ? 'Co H18 N6 3'     161.116 
U   'RNA linking' y "URIDINE-5'-MONOPHOSPHATE"   ? 'C9 H13 N2 O9 P'  324.181 
# 
loop_
_pdbx_poly_seq_scheme.asym_id 
_pdbx_poly_seq_scheme.entity_id 
_pdbx_poly_seq_scheme.seq_id 
_pdbx_poly_seq_scheme.mon_id 
_pdbx_poly_seq_scheme.ndb_seq_num 
_pdbx_poly_seq_scheme.pdb_seq_num 
_pdbx_poly_seq_scheme.auth_seq_num 
_pdbx_poly_seq_scheme.pdb_mon_id 
_pdbx_poly_seq_scheme.auth_mon_id 
_pdbx_poly_seq_scheme.pdb_strand_id 
_pdbx_poly_seq_scheme.pdb_ins_code 
_pdbx_poly_seq_scheme.hetero 
A 1 1  G 1  1  1  G G AAA . n 
A 1 2  G 2  2  2  G G AAA . n 
A 1 3  C 3  3  3  C C AAA . n 
A 1 4  A 4  4  4  A A AAA . n 
A 1 5  C 5  5  5  C C AAA . n 
A 1 6  U 6  6  6  U U AAA . n 
A 1 7  G 7  7  7  G G AAA . n 
A 1 8  G 8  8  8  G G AAA . n 
A 1 9  A 9  9  9  A A AAA . n 
A 1 10 A 10 10 10 A A AAA . n 
A 1 11 G 11 11 11 G G AAA . n 
A 1 12 U 12 12 12 U U AAA . n 
A 1 13 G 13 13 13 G G AAA . n 
A 1 14 C 14 14 14 C C AAA . n 
A 1 15 C 15 15 15 C C AAA . n 
B 1 1  G 1  1  1  G G BBB . n 
B 1 2  G 2  2  2  G G BBB . n 
B 1 3  C 3  3  3  C C BBB . n 
B 1 4  A 4  4  4  A A BBB . n 
B 1 5  C 5  5  5  C C BBB . n 
B 1 6  U 6  6  6  U U BBB . n 
B 1 7  G 7  7  7  G G BBB . n 
B 1 8  G 8  8  8  G G BBB . n 
B 1 9  A 9  9  9  A A BBB . n 
B 1 10 A 10 10 10 A A BBB . n 
B 1 11 G 11 11 11 G G BBB . n 
B 1 12 U 12 12 12 U U BBB . n 
B 1 13 G 13 13 13 G G BBB . n 
B 1 14 C 14 14 14 C C BBB . n 
B 1 15 C 15 15 15 C C BBB . n 
# 
_pdbx_entity_instance_feature.ordinal        1 
_pdbx_entity_instance_feature.comp_id        NCO 
_pdbx_entity_instance_feature.asym_id        ? 
_pdbx_entity_instance_feature.seq_num        ? 
_pdbx_entity_instance_feature.auth_comp_id   NCO 
_pdbx_entity_instance_feature.auth_asym_id   ? 
_pdbx_entity_instance_feature.auth_seq_num   ? 
_pdbx_entity_instance_feature.feature_type   'SUBJECT OF INVESTIGATION' 
_pdbx_entity_instance_feature.details        ? 
# 
loop_
_pdbx_nonpoly_scheme.asym_id 
_pdbx_nonpoly_scheme.entity_id 
_pdbx_nonpoly_scheme.mon_id 
_pdbx_nonpoly_scheme.ndb_seq_num 
_pdbx_nonpoly_scheme.pdb_seq_num 
_pdbx_nonpoly_scheme.auth_seq_num 
_pdbx_nonpoly_scheme.pdb_mon_id 
_pdbx_nonpoly_scheme.auth_mon_id 
_pdbx_nonpoly_scheme.pdb_strand_id 
_pdbx_nonpoly_scheme.pdb_ins_code 
C 2 NCO 1 100 100 NCO NCO AAA . 
D 3 HOH 1 201 4   HOH HOH AAA . 
D 3 HOH 2 202 2   HOH HOH AAA . 
D 3 HOH 3 203 1   HOH HOH AAA . 
D 3 HOH 4 204 3   HOH HOH AAA . 
E 3 HOH 1 101 5   HOH HOH BBB . 
E 3 HOH 2 102 6   HOH HOH BBB . 
# 
loop_
_software.citation_id 
_software.classification 
_software.compiler_name 
_software.compiler_version 
_software.contact_author 
_software.contact_author_email 
_software.date 
_software.description 
_software.dependencies 
_software.hardware 
_software.language 
_software.location 
_software.mods 
_software.name 
_software.os 
_software.os_version 
_software.type 
_software.version 
_software.pdbx_ordinal 
? refinement       ? ? ? ? ? ? ? ? ? ? ? REFMAC  ? ? ? 5.8.0258 1 
? 'data reduction' ? ? ? ? ? ? ? ? ? ? ? XDS     ? ? ? .        2 
? 'data scaling'   ? ? ? ? ? ? ? ? ? ? ? Aimless ? ? ? .        3 
? phasing          ? ? ? ? ? ? ? ? ? ? ? PHASER  ? ? ? .        4 
# 
_cell.angle_alpha                  90.000 
_cell.angle_alpha_esd              ? 
_cell.angle_beta                   90.000 
_cell.angle_beta_esd               ? 
_cell.angle_gamma                  90.000 
_cell.angle_gamma_esd              ? 
_cell.entry_id                     9IF1 
_cell.details                      ? 
_cell.formula_units_Z              ? 
_cell.length_a                     33.818 
_cell.length_a_esd                 ? 
_cell.length_b                     33.818 
_cell.length_b_esd                 ? 
_cell.length_c                     170.094 
_cell.length_c_esd                 ? 
_cell.volume                       ? 
_cell.volume_esd                   ? 
_cell.Z_PDB                        16 
_cell.reciprocal_angle_alpha       ? 
_cell.reciprocal_angle_beta        ? 
_cell.reciprocal_angle_gamma       ? 
_cell.reciprocal_angle_alpha_esd   ? 
_cell.reciprocal_angle_beta_esd    ? 
_cell.reciprocal_angle_gamma_esd   ? 
_cell.reciprocal_length_a          ? 
_cell.reciprocal_length_b          ? 
_cell.reciprocal_length_c          ? 
_cell.reciprocal_length_a_esd      ? 
_cell.reciprocal_length_b_esd      ? 
_cell.reciprocal_length_c_esd      ? 
_cell.pdbx_unique_axis             ? 
_cell.pdbx_esd_method              ? 
# 
_symmetry.entry_id                         9IF1 
_symmetry.cell_setting                     ? 
_symmetry.Int_Tables_number                92 
_symmetry.space_group_name_Hall            ? 
_symmetry.space_group_name_H-M             'P 41 21 2' 
_symmetry.pdbx_full_space_group_name_H-M   ? 
# 
_exptl.absorpt_coefficient_mu     ? 
_exptl.absorpt_correction_T_max   ? 
_exptl.absorpt_correction_T_min   ? 
_exptl.absorpt_correction_type    ? 
_exptl.absorpt_process_details    ? 
_exptl.entry_id                   9IF1 
_exptl.crystals_number            1 
_exptl.details                    ? 
_exptl.method                     'X-RAY DIFFRACTION' 
_exptl.method_details             ? 
# 
_exptl_crystal.colour                       ? 
_exptl_crystal.density_diffrn               ? 
_exptl_crystal.density_Matthews             2.51 
_exptl_crystal.density_method               ? 
_exptl_crystal.density_percent_sol          50.96 
_exptl_crystal.description                  ? 
_exptl_crystal.F_000                        ? 
_exptl_crystal.id                           1 
_exptl_crystal.preparation                  ? 
_exptl_crystal.size_max                     ? 
_exptl_crystal.size_mid                     ? 
_exptl_crystal.size_min                     ? 
_exptl_crystal.size_rad                     ? 
_exptl_crystal.colour_lustre                ? 
_exptl_crystal.colour_modifier              ? 
_exptl_crystal.colour_primary               ? 
_exptl_crystal.density_meas                 ? 
_exptl_crystal.density_meas_esd             ? 
_exptl_crystal.density_meas_gt              ? 
_exptl_crystal.density_meas_lt              ? 
_exptl_crystal.density_meas_temp            ? 
_exptl_crystal.density_meas_temp_esd        ? 
_exptl_crystal.density_meas_temp_gt         ? 
_exptl_crystal.density_meas_temp_lt         ? 
_exptl_crystal.pdbx_crystal_image_url       ? 
_exptl_crystal.pdbx_crystal_image_format    ? 
_exptl_crystal.pdbx_mosaicity               ? 
_exptl_crystal.pdbx_mosaicity_esd           ? 
_exptl_crystal.pdbx_mosaic_method           ? 
_exptl_crystal.pdbx_mosaic_block_size       ? 
_exptl_crystal.pdbx_mosaic_block_size_esd   ? 
# 
_exptl_crystal_grow.apparatus       ? 
_exptl_crystal_grow.atmosphere      ? 
_exptl_crystal_grow.crystal_id      1 
_exptl_crystal_grow.details         ? 
_exptl_crystal_grow.method          'VAPOR DIFFUSION' 
_exptl_crystal_grow.method_ref      ? 
_exptl_crystal_grow.pH              ? 
_exptl_crystal_grow.pressure        ? 
_exptl_crystal_grow.pressure_esd    ? 
_exptl_crystal_grow.seeding         ? 
_exptl_crystal_grow.seeding_ref     ? 
_exptl_crystal_grow.temp_details    ? 
_exptl_crystal_grow.temp_esd        ? 
_exptl_crystal_grow.time            ? 
_exptl_crystal_grow.pdbx_details    
;0.012M Sodium chloride, 0.08M Potassium chloride, 0.04M Sodium cacodylate trihydrate pH 5.5 45% v/v (+/-)-2-Methyl-2,4-pentanediol, 0.002M Hexammine cobalt(III) chloride
;
_exptl_crystal_grow.pdbx_pH_range   ? 
_exptl_crystal_grow.temp            292 
# 
_diffrn.ambient_environment              ? 
_diffrn.ambient_temp                     100 
_diffrn.ambient_temp_details             ? 
_diffrn.ambient_temp_esd                 ? 
_diffrn.crystal_id                       1 
_diffrn.crystal_support                  ? 
_diffrn.crystal_treatment                ? 
_diffrn.details                          ? 
_diffrn.id                               1 
_diffrn.ambient_pressure                 ? 
_diffrn.ambient_pressure_esd             ? 
_diffrn.ambient_pressure_gt              ? 
_diffrn.ambient_pressure_lt              ? 
_diffrn.ambient_temp_gt                  ? 
_diffrn.ambient_temp_lt                  ? 
_diffrn.pdbx_serial_crystal_experiment   N 
# 
_diffrn_detector.details                      ? 
_diffrn_detector.detector                     PIXEL 
_diffrn_detector.diffrn_id                    1 
_diffrn_detector.type                         'DECTRIS EIGER X 4M' 
_diffrn_detector.area_resol_mean              ? 
_diffrn_detector.dtime                        ? 
_diffrn_detector.pdbx_frames_total            ? 
_diffrn_detector.pdbx_collection_time_total   ? 
_diffrn_detector.pdbx_collection_date         2023-02-10 
_diffrn_detector.pdbx_frequency               ? 
_diffrn_detector.id                           ? 
_diffrn_detector.number_of_axes               ? 
# 
_diffrn_radiation.collimation                      ? 
_diffrn_radiation.diffrn_id                        1 
_diffrn_radiation.filter_edge                      ? 
_diffrn_radiation.inhomogeneity                    ? 
_diffrn_radiation.monochromator                    ? 
_diffrn_radiation.polarisn_norm                    ? 
_diffrn_radiation.polarisn_ratio                   ? 
_diffrn_radiation.probe                            ? 
_diffrn_radiation.type                             ? 
_diffrn_radiation.xray_symbol                      ? 
_diffrn_radiation.wavelength_id                    1 
_diffrn_radiation.pdbx_monochromatic_or_laue_m_l   M 
_diffrn_radiation.pdbx_wavelength_list             ? 
_diffrn_radiation.pdbx_wavelength                  ? 
_diffrn_radiation.pdbx_diffrn_protocol             'SINGLE WAVELENGTH' 
_diffrn_radiation.pdbx_analyzer                    ? 
_diffrn_radiation.pdbx_scattering_type             x-ray 
# 
_diffrn_radiation_wavelength.id           1 
_diffrn_radiation_wavelength.wavelength   0.9677 
_diffrn_radiation_wavelength.wt           1.0 
# 
_diffrn_source.current                     ? 
_diffrn_source.details                     ? 
_diffrn_source.diffrn_id                   1 
_diffrn_source.power                       ? 
_diffrn_source.size                        ? 
_diffrn_source.source                      SYNCHROTRON 
_diffrn_source.target                      ? 
_diffrn_source.type                        'ESRF BEAMLINE MASSIF-3' 
_diffrn_source.voltage                     ? 
_diffrn_source.take-off_angle              ? 
_diffrn_source.pdbx_wavelength_list        0.9677 
_diffrn_source.pdbx_wavelength             ? 
_diffrn_source.pdbx_synchrotron_beamline   MASSIF-3 
_diffrn_source.pdbx_synchrotron_site       ESRF 
# 
_reflns.B_iso_Wilson_estimate                          ? 
_reflns.entry_id                                       9IF1 
_reflns.data_reduction_details                         ? 
_reflns.data_reduction_method                          ? 
_reflns.d_resolution_high                              2.79 
_reflns.d_resolution_low                               42.52 
_reflns.details                                        ? 
_reflns.limit_h_max                                    ? 
_reflns.limit_h_min                                    ? 
_reflns.limit_k_max                                    ? 
_reflns.limit_k_min                                    ? 
_reflns.limit_l_max                                    ? 
_reflns.limit_l_min                                    ? 
_reflns.number_all                                     ? 
_reflns.number_obs                                     2764 
_reflns.observed_criterion                             ? 
_reflns.observed_criterion_F_max                       ? 
_reflns.observed_criterion_F_min                       ? 
_reflns.observed_criterion_I_max                       ? 
_reflns.observed_criterion_I_min                       ? 
_reflns.observed_criterion_sigma_F                     ? 
_reflns.observed_criterion_sigma_I                     ? 
_reflns.percent_possible_obs                           97.3 
_reflns.R_free_details                                 ? 
_reflns.Rmerge_F_all                                   ? 
_reflns.Rmerge_F_obs                                   ? 
_reflns.Friedel_coverage                               ? 
_reflns.number_gt                                      ? 
_reflns.threshold_expression                           ? 
_reflns.pdbx_redundancy                                6.26 
_reflns.pdbx_netI_over_av_sigmaI                       ? 
_reflns.pdbx_netI_over_sigmaI                          16.72 
_reflns.pdbx_res_netI_over_av_sigmaI_2                 ? 
_reflns.pdbx_res_netI_over_sigmaI_2                    ? 
_reflns.pdbx_chi_squared                               ? 
_reflns.pdbx_scaling_rejects                           ? 
_reflns.pdbx_d_res_high_opt                            ? 
_reflns.pdbx_d_res_low_opt                             ? 
_reflns.pdbx_d_res_opt_method                          ? 
_reflns.phase_calculation_details                      ? 
_reflns.pdbx_Rrim_I_all                                ? 
_reflns.pdbx_Rpim_I_all                                ? 
_reflns.pdbx_d_opt                                     ? 
_reflns.pdbx_number_measured_all                       ? 
_reflns.pdbx_diffrn_id                                 1 
_reflns.pdbx_ordinal                                   1 
_reflns.pdbx_CC_half                                   0.999 
_reflns.pdbx_CC_star                                   ? 
_reflns.pdbx_R_split                                   ? 
_reflns.pdbx_Rmerge_I_obs                              ? 
_reflns.pdbx_Rmerge_I_all                              ? 
_reflns.pdbx_Rsym_value                                ? 
_reflns.pdbx_CC_split_method                           ? 
_reflns.pdbx_aniso_diffraction_limit_axis_1_ortho[1]   ? 
_reflns.pdbx_aniso_diffraction_limit_axis_1_ortho[2]   ? 
_reflns.pdbx_aniso_diffraction_limit_axis_1_ortho[3]   ? 
_reflns.pdbx_aniso_diffraction_limit_axis_2_ortho[1]   ? 
_reflns.pdbx_aniso_diffraction_limit_axis_2_ortho[2]   ? 
_reflns.pdbx_aniso_diffraction_limit_axis_2_ortho[3]   ? 
_reflns.pdbx_aniso_diffraction_limit_axis_3_ortho[1]   ? 
_reflns.pdbx_aniso_diffraction_limit_axis_3_ortho[2]   ? 
_reflns.pdbx_aniso_diffraction_limit_axis_3_ortho[3]   ? 
_reflns.pdbx_aniso_diffraction_limit_1                 ? 
_reflns.pdbx_aniso_diffraction_limit_2                 ? 
_reflns.pdbx_aniso_diffraction_limit_3                 ? 
_reflns.pdbx_aniso_B_tensor_eigenvector_1_ortho[1]     ? 
_reflns.pdbx_aniso_B_tensor_eigenvector_1_ortho[2]     ? 
_reflns.pdbx_aniso_B_tensor_eigenvector_1_ortho[3]     ? 
_reflns.pdbx_aniso_B_tensor_eigenvector_2_ortho[1]     ? 
_reflns.pdbx_aniso_B_tensor_eigenvector_2_ortho[2]     ? 
_reflns.pdbx_aniso_B_tensor_eigenvector_2_ortho[3]     ? 
_reflns.pdbx_aniso_B_tensor_eigenvector_3_ortho[1]     ? 
_reflns.pdbx_aniso_B_tensor_eigenvector_3_ortho[2]     ? 
_reflns.pdbx_aniso_B_tensor_eigenvector_3_ortho[3]     ? 
_reflns.pdbx_aniso_B_tensor_eigenvalue_1               ? 
_reflns.pdbx_aniso_B_tensor_eigenvalue_2               ? 
_reflns.pdbx_aniso_B_tensor_eigenvalue_3               ? 
_reflns.pdbx_orthogonalization_convention              ? 
_reflns.pdbx_percent_possible_ellipsoidal              ? 
_reflns.pdbx_percent_possible_spherical                ? 
_reflns.pdbx_percent_possible_ellipsoidal_anomalous    ? 
_reflns.pdbx_percent_possible_spherical_anomalous      ? 
_reflns.pdbx_redundancy_anomalous                      ? 
_reflns.pdbx_CC_half_anomalous                         ? 
_reflns.pdbx_absDiff_over_sigma_anomalous              ? 
_reflns.pdbx_percent_possible_anomalous                ? 
_reflns.pdbx_observed_signal_threshold                 ? 
_reflns.pdbx_signal_type                               ? 
_reflns.pdbx_signal_details                            ? 
_reflns.pdbx_signal_software_id                        ? 
# 
_reflns_shell.d_res_high                                    2.79 
_reflns_shell.d_res_low                                     2.96 
_reflns_shell.meanI_over_sigI_all                           ? 
_reflns_shell.meanI_over_sigI_obs                           ? 
_reflns_shell.number_measured_all                           ? 
_reflns_shell.number_measured_obs                           ? 
_reflns_shell.number_possible                               ? 
_reflns_shell.number_unique_all                             ? 
_reflns_shell.number_unique_obs                             348 
_reflns_shell.percent_possible_obs                          ? 
_reflns_shell.Rmerge_F_all                                  ? 
_reflns_shell.Rmerge_F_obs                                  ? 
_reflns_shell.meanI_over_sigI_gt                            ? 
_reflns_shell.meanI_over_uI_all                             ? 
_reflns_shell.meanI_over_uI_gt                              ? 
_reflns_shell.number_measured_gt                            ? 
_reflns_shell.number_unique_gt                              ? 
_reflns_shell.percent_possible_gt                           ? 
_reflns_shell.Rmerge_F_gt                                   ? 
_reflns_shell.Rmerge_I_gt                                   ? 
_reflns_shell.pdbx_redundancy                               ? 
_reflns_shell.pdbx_chi_squared                              ? 
_reflns_shell.pdbx_netI_over_sigmaI_all                     ? 
_reflns_shell.pdbx_netI_over_sigmaI_obs                     ? 
_reflns_shell.pdbx_Rrim_I_all                               ? 
_reflns_shell.pdbx_Rpim_I_all                               ? 
_reflns_shell.pdbx_rejects                                  ? 
_reflns_shell.pdbx_ordinal                                  1 
_reflns_shell.pdbx_diffrn_id                                1 
_reflns_shell.pdbx_CC_half                                  0.982 
_reflns_shell.pdbx_CC_star                                  ? 
_reflns_shell.pdbx_R_split                                  ? 
_reflns_shell.percent_possible_all                          ? 
_reflns_shell.Rmerge_I_all                                  ? 
_reflns_shell.Rmerge_I_obs                                  ? 
_reflns_shell.pdbx_Rsym_value                               ? 
_reflns_shell.pdbx_percent_possible_ellipsoidal             ? 
_reflns_shell.pdbx_percent_possible_spherical               ? 
_reflns_shell.pdbx_percent_possible_ellipsoidal_anomalous   ? 
_reflns_shell.pdbx_percent_possible_spherical_anomalous     ? 
_reflns_shell.pdbx_redundancy_anomalous                     ? 
_reflns_shell.pdbx_CC_half_anomalous                        ? 
_reflns_shell.pdbx_absDiff_over_sigma_anomalous             ? 
_reflns_shell.pdbx_percent_possible_anomalous               ? 
# 
_refine.aniso_B[1][1]                            3.992 
_refine.aniso_B[1][2]                            -0.000 
_refine.aniso_B[1][3]                            -0.000 
_refine.aniso_B[2][2]                            3.992 
_refine.aniso_B[2][3]                            -0.000 
_refine.aniso_B[3][3]                            -7.984 
_refine.B_iso_max                                ? 
_refine.B_iso_mean                               28.256 
_refine.B_iso_min                                ? 
_refine.correlation_coeff_Fo_to_Fc               0.952 
_refine.correlation_coeff_Fo_to_Fc_free          0.927 
_refine.details                                  'Hydrogens have been added in their riding positions' 
_refine.diff_density_max                         ? 
_refine.diff_density_max_esd                     ? 
_refine.diff_density_min                         ? 
_refine.diff_density_min_esd                     ? 
_refine.diff_density_rms                         ? 
_refine.diff_density_rms_esd                     ? 
_refine.entry_id                                 9IF1 
_refine.pdbx_refine_id                           'X-RAY DIFFRACTION' 
_refine.ls_abs_structure_details                 ? 
_refine.ls_abs_structure_Flack                   ? 
_refine.ls_abs_structure_Flack_esd               ? 
_refine.ls_abs_structure_Rogers                  ? 
_refine.ls_abs_structure_Rogers_esd              ? 
_refine.ls_d_res_high                            2.79 
_refine.ls_d_res_low                             42.52 
_refine.ls_extinction_coef                       ? 
_refine.ls_extinction_coef_esd                   ? 
_refine.ls_extinction_expression                 ? 
_refine.ls_extinction_method                     ? 
_refine.ls_goodness_of_fit_all                   ? 
_refine.ls_goodness_of_fit_all_esd               ? 
_refine.ls_goodness_of_fit_obs                   ? 
_refine.ls_goodness_of_fit_obs_esd               ? 
_refine.ls_hydrogen_treatment                    ? 
_refine.ls_matrix_type                           ? 
_refine.ls_number_constraints                    ? 
_refine.ls_number_parameters                     ? 
_refine.ls_number_reflns_all                     ? 
_refine.ls_number_reflns_obs                     2762 
_refine.ls_number_reflns_R_free                  277 
_refine.ls_number_reflns_R_work                  2485 
_refine.ls_number_restraints                     ? 
_refine.ls_percent_reflns_obs                    97.254 
_refine.ls_percent_reflns_R_free                 10.029 
_refine.ls_R_factor_all                          0.262 
_refine.ls_R_factor_obs                          ? 
_refine.ls_R_factor_R_free                       0.3085 
_refine.ls_R_factor_R_free_error                 ? 
_refine.ls_R_factor_R_free_error_details         ? 
_refine.ls_R_factor_R_work                       0.2573 
_refine.ls_R_Fsqd_factor_obs                     ? 
_refine.ls_R_I_factor_obs                        ? 
_refine.ls_redundancy_reflns_all                 ? 
_refine.ls_redundancy_reflns_obs                 ? 
_refine.ls_restrained_S_all                      ? 
_refine.ls_restrained_S_obs                      ? 
_refine.ls_shift_over_esd_max                    ? 
_refine.ls_shift_over_esd_mean                   ? 
_refine.ls_structure_factor_coef                 ? 
_refine.ls_weighting_details                     ? 
_refine.ls_weighting_scheme                      ? 
_refine.ls_wR_factor_all                         ? 
_refine.ls_wR_factor_obs                         ? 
_refine.ls_wR_factor_R_free                      ? 
_refine.ls_wR_factor_R_work                      ? 
_refine.occupancy_max                            ? 
_refine.occupancy_min                            ? 
_refine.solvent_model_details                    'BABINET MODEL PLUS MASK' 
_refine.solvent_model_param_bsol                 ? 
_refine.solvent_model_param_ksol                 ? 
_refine.pdbx_R_complete                          ? 
_refine.ls_R_factor_gt                           ? 
_refine.ls_goodness_of_fit_gt                    ? 
_refine.ls_goodness_of_fit_ref                   ? 
_refine.ls_shift_over_su_max                     ? 
_refine.ls_shift_over_su_max_lt                  ? 
_refine.ls_shift_over_su_mean                    ? 
_refine.ls_shift_over_su_mean_lt                 ? 
_refine.pdbx_ls_sigma_I                          ? 
_refine.pdbx_ls_sigma_F                          ? 
_refine.pdbx_ls_sigma_Fsqd                       ? 
_refine.pdbx_data_cutoff_high_absF               ? 
_refine.pdbx_data_cutoff_high_rms_absF           ? 
_refine.pdbx_data_cutoff_low_absF                ? 
_refine.pdbx_isotropic_thermal_model             ? 
_refine.pdbx_ls_cross_valid_method               'FREE R-VALUE' 
_refine.pdbx_method_to_determine_struct          'MOLECULAR REPLACEMENT' 
_refine.pdbx_starting_model                      ? 
_refine.pdbx_stereochemistry_target_values       ? 
_refine.pdbx_R_Free_selection_details            ? 
_refine.pdbx_stereochem_target_val_spec_case     ? 
_refine.pdbx_overall_ESU_R                       ? 
_refine.pdbx_overall_ESU_R_Free                  0.462 
_refine.pdbx_solvent_vdw_probe_radii             1.200 
_refine.pdbx_solvent_ion_probe_radii             0.800 
_refine.pdbx_solvent_shrinkage_radii             0.800 
_refine.pdbx_real_space_R                        ? 
_refine.pdbx_density_correlation                 ? 
_refine.pdbx_pd_number_of_powder_patterns        ? 
_refine.pdbx_pd_number_of_points                 ? 
_refine.pdbx_pd_meas_number_of_points            ? 
_refine.pdbx_pd_proc_ls_prof_R_factor            ? 
_refine.pdbx_pd_proc_ls_prof_wR_factor           ? 
_refine.pdbx_pd_Marquardt_correlation_coeff      ? 
_refine.pdbx_pd_Fsqrd_R_factor                   ? 
_refine.pdbx_pd_ls_matrix_band_width             ? 
_refine.pdbx_overall_phase_error                 ? 
_refine.pdbx_overall_SU_R_free_Cruickshank_DPI   ? 
_refine.pdbx_overall_SU_R_free_Blow_DPI          ? 
_refine.pdbx_overall_SU_R_Blow_DPI               ? 
_refine.pdbx_TLS_residual_ADP_flag               ? 
_refine.pdbx_diffrn_id                           1 
_refine.overall_SU_B                             20.997 
_refine.overall_SU_ML                            0.409 
_refine.overall_SU_R_Cruickshank_DPI             ? 
_refine.overall_SU_R_free                        ? 
_refine.overall_FOM_free_R_set                   ? 
_refine.overall_FOM_work_R_set                   ? 
_refine.pdbx_average_fsc_overall                 ? 
_refine.pdbx_average_fsc_work                    ? 
_refine.pdbx_average_fsc_free                    ? 
# 
_refine_hist.pdbx_refine_id                   'X-RAY DIFFRACTION' 
_refine_hist.cycle_id                         LAST 
_refine_hist.pdbx_number_atoms_protein        0 
_refine_hist.pdbx_number_atoms_nucleic_acid   642 
_refine_hist.pdbx_number_atoms_ligand         7 
_refine_hist.number_atoms_solvent             6 
_refine_hist.number_atoms_total               655 
_refine_hist.d_res_high                       2.79 
_refine_hist.d_res_low                        42.52 
# 
loop_
_refine_ls_restr.pdbx_refine_id 
_refine_ls_restr.criterion 
_refine_ls_restr.dev_ideal 
_refine_ls_restr.dev_ideal_target 
_refine_ls_restr.number 
_refine_ls_restr.rejects 
_refine_ls_restr.type 
_refine_ls_restr.weight 
_refine_ls_restr.pdbx_restraint_function 
'X-RAY DIFFRACTION' ? 0.009 0.011  726  ? r_bond_refined_d               ? ? 
'X-RAY DIFFRACTION' ? 0.003 0.020  316  ? r_bond_other_d                 ? ? 
'X-RAY DIFFRACTION' ? 1.742 1.286  1139 ? r_angle_refined_deg            ? ? 
'X-RAY DIFFRACTION' ? 1.587 3.000  755  ? r_angle_other_deg              ? ? 
'X-RAY DIFFRACTION' ? 0.104 0.200  121  ? r_chiral_restr                 ? ? 
'X-RAY DIFFRACTION' ? 0.010 0.020  370  ? r_gen_planes_refined           ? ? 
'X-RAY DIFFRACTION' ? 0.001 0.020  168  ? r_gen_planes_other             ? ? 
'X-RAY DIFFRACTION' ? 0.163 0.200  114  ? r_nbd_refined                  ? ? 
'X-RAY DIFFRACTION' ? 0.249 0.200  395  ? r_symmetry_nbd_other           ? ? 
'X-RAY DIFFRACTION' ? 0.252 0.200  272  ? r_nbtor_refined                ? ? 
'X-RAY DIFFRACTION' ? 0.072 0.200  155  ? r_symmetry_nbtor_other         ? ? 
'X-RAY DIFFRACTION' ? 0.206 0.200  8    ? r_xyhbond_nbd_refined          ? ? 
'X-RAY DIFFRACTION' ? 0.004 0.200  1    ? r_symmetry_xyhbond_nbd_other   ? ? 
'X-RAY DIFFRACTION' ? 0.152 0.200  22   ? r_symmetry_nbd_refined         ? ? 
'X-RAY DIFFRACTION' ? 0.223 0.200  19   ? r_nbd_other                    ? ? 
'X-RAY DIFFRACTION' ? 0.376 0.200  1    ? r_symmetry_xyhbond_nbd_refined ? ? 
'X-RAY DIFFRACTION' ? 0.000 3.000  726  ? r_scbond_it                    ? ? 
'X-RAY DIFFRACTION' ? 0.000 3.000  727  ? r_scbond_other                 ? ? 
'X-RAY DIFFRACTION' ? 0.000 4.500  1138 ? r_scangle_it                   ? ? 
'X-RAY DIFFRACTION' ? 0.000 4.500  1139 ? r_scangle_other                ? ? 
'X-RAY DIFFRACTION' ? 0.000 29.481 1023 ? r_lrange_it                    ? ? 
'X-RAY DIFFRACTION' ? 0.000 29.492 1024 ? r_lrange_other                 ? ? 
# 
loop_
_refine_ls_shell.pdbx_refine_id 
_refine_ls_shell.d_res_high 
_refine_ls_shell.d_res_low 
_refine_ls_shell.number_reflns_all 
_refine_ls_shell.number_reflns_obs 
_refine_ls_shell.number_reflns_R_free 
_refine_ls_shell.number_reflns_R_work 
_refine_ls_shell.percent_reflns_obs 
_refine_ls_shell.percent_reflns_R_free 
_refine_ls_shell.R_factor_all 
_refine_ls_shell.R_factor_obs 
_refine_ls_shell.R_factor_R_free_error 
_refine_ls_shell.R_factor_R_work 
_refine_ls_shell.redundancy_reflns_all 
_refine_ls_shell.redundancy_reflns_obs 
_refine_ls_shell.wR_factor_all 
_refine_ls_shell.wR_factor_obs 
_refine_ls_shell.wR_factor_R_free 
_refine_ls_shell.wR_factor_R_work 
_refine_ls_shell.pdbx_R_complete 
_refine_ls_shell.pdbx_total_number_of_bins_used 
_refine_ls_shell.pdbx_phase_error 
_refine_ls_shell.pdbx_fsc_work 
_refine_ls_shell.pdbx_fsc_free 
_refine_ls_shell.R_factor_R_free 
'X-RAY DIFFRACTION' 2.79   2.862  . . 12 104 60.4167  . . . . 0.499 . . . . . . . . . . . 0.496 
'X-RAY DIFFRACTION' 2.862  2.940  . . 19 166 100.0000 . . . . 0.367 . . . . . . . . . . . 0.322 
'X-RAY DIFFRACTION' 2.940  3.024  . . 20 184 100.0000 . . . . 0.321 . . . . . . . . . . . 0.249 
'X-RAY DIFFRACTION' 3.024  3.117  . . 18 161 100.0000 . . . . 0.266 . . . . . . . . . . . 0.490 
'X-RAY DIFFRACTION' 3.117  3.219  . . 17 157 100.0000 . . . . 0.253 . . . . . . . . . . . 0.431 
'X-RAY DIFFRACTION' 3.219  3.331  . . 18 161 99.4444  . . . . 0.275 . . . . . . . . . . . 0.375 
'X-RAY DIFFRACTION' 3.331  3.456  . . 18 159 100.0000 . . . . 0.278 . . . . . . . . . . . 0.353 
'X-RAY DIFFRACTION' 3.456  3.596  . . 15 140 100.0000 . . . . 0.300 . . . . . . . . . . . 0.267 
'X-RAY DIFFRACTION' 3.596  3.755  . . 17 146 100.0000 . . . . 0.264 . . . . . . . . . . . 0.417 
'X-RAY DIFFRACTION' 3.755  3.936  . . 15 137 100.0000 . . . . 0.274 . . . . . . . . . . . 0.456 
'X-RAY DIFFRACTION' 3.936  4.147  . . 14 128 100.0000 . . . . 0.239 . . . . . . . . . . . 0.352 
'X-RAY DIFFRACTION' 4.147  4.396  . . 14 124 100.0000 . . . . 0.231 . . . . . . . . . . . 0.306 
'X-RAY DIFFRACTION' 4.396  4.696  . . 14 123 100.0000 . . . . 0.273 . . . . . . . . . . . 0.263 
'X-RAY DIFFRACTION' 4.696  5.067  . . 12 115 100.0000 . . . . 0.272 . . . . . . . . . . . 0.370 
'X-RAY DIFFRACTION' 5.067  5.543  . . 12 103 100.0000 . . . . 0.301 . . . . . . . . . . . 0.228 
'X-RAY DIFFRACTION' 5.543  6.184  . . 11 97  100.0000 . . . . 0.253 . . . . . . . . . . . 0.171 
'X-RAY DIFFRACTION' 6.184  7.116  . . 10 90  100.0000 . . . . 0.229 . . . . . . . . . . . 0.283 
'X-RAY DIFFRACTION' 7.116  8.655  . . 9  82  100.0000 . . . . 0.255 . . . . . . . . . . . 0.366 
'X-RAY DIFFRACTION' 8.655  11.994 . . 7  66  100.0000 . . . . 0.218 . . . . . . . . . . . 0.222 
'X-RAY DIFFRACTION' 11.994 42.52  . . 5  42  97.9167  . . . . 0.188 . . . . . . . . . . . 0.244 
# 
_struct.entry_id                     9IF1 
_struct.title                        'Unliganded structure of RNA duplex containing UGGAA/UGGAA motif' 
_struct.pdbx_model_details           ? 
_struct.pdbx_formula_weight          ? 
_struct.pdbx_formula_weight_method   ? 
_struct.pdbx_model_type_details      ? 
_struct.pdbx_CASP_flag               N 
# 
_struct_keywords.entry_id        9IF1 
_struct_keywords.text            'RNA, UGGAA motif, SCA31' 
_struct_keywords.pdbx_keywords   RNA 
# 
loop_
_struct_asym.id 
_struct_asym.pdbx_blank_PDB_chainid_flag 
_struct_asym.pdbx_modified 
_struct_asym.entity_id 
_struct_asym.details 
A N N 1 ? 
B N N 1 ? 
C N N 2 ? 
D N N 3 ? 
E N N 3 ? 
# 
_struct_ref.id                         1 
_struct_ref.db_name                    PDB 
_struct_ref.db_code                    9IF1 
_struct_ref.pdbx_db_accession          9IF1 
_struct_ref.pdbx_db_isoform            ? 
_struct_ref.entity_id                  1 
_struct_ref.pdbx_seq_one_letter_code   ? 
_struct_ref.pdbx_align_begin           1 
# 
loop_
_struct_ref_seq.align_id 
_struct_ref_seq.ref_id 
_struct_ref_seq.pdbx_PDB_id_code 
_struct_ref_seq.pdbx_strand_id 
_struct_ref_seq.seq_align_beg 
_struct_ref_seq.pdbx_seq_align_beg_ins_code 
_struct_ref_seq.seq_align_end 
_struct_ref_seq.pdbx_seq_align_end_ins_code 
_struct_ref_seq.pdbx_db_accession 
_struct_ref_seq.db_align_beg 
_struct_ref_seq.pdbx_db_align_beg_ins_code 
_struct_ref_seq.db_align_end 
_struct_ref_seq.pdbx_db_align_end_ins_code 
_struct_ref_seq.pdbx_auth_seq_align_beg 
_struct_ref_seq.pdbx_auth_seq_align_end 
1 1 9IF1 AAA 1 ? 15 ? 9IF1 1 ? 15 ? 1 15 
2 1 9IF1 BBB 1 ? 15 ? 9IF1 1 ? 15 ? 1 15 
# 
_pdbx_struct_assembly.id                   1 
_pdbx_struct_assembly.details              author_defined_assembly 
_pdbx_struct_assembly.method_details       ? 
_pdbx_struct_assembly.oligomeric_details   dimeric 
_pdbx_struct_assembly.oligomeric_count     2 
# 
loop_
_pdbx_struct_assembly_prop.biol_id 
_pdbx_struct_assembly_prop.type 
_pdbx_struct_assembly_prop.value 
_pdbx_struct_assembly_prop.details 
1 'ABSA (A^2)' 1980 ? 
1 MORE         -8   ? 
1 'SSA (A^2)'  5570 ? 
# 
_pdbx_struct_assembly_gen.assembly_id       1 
_pdbx_struct_assembly_gen.oper_expression   1 
_pdbx_struct_assembly_gen.asym_id_list      A,B,C,D,E 
# 
_pdbx_struct_assembly_auth_evidence.id                     1 
_pdbx_struct_assembly_auth_evidence.assembly_id            1 
_pdbx_struct_assembly_auth_evidence.experimental_support   none 
_pdbx_struct_assembly_auth_evidence.details                ? 
# 
_pdbx_struct_oper_list.id                   1 
_pdbx_struct_oper_list.type                 'identity operation' 
_pdbx_struct_oper_list.name                 1_555 
_pdbx_struct_oper_list.symmetry_operation   x,y,z 
_pdbx_struct_oper_list.matrix[1][1]         1.0000000000 
_pdbx_struct_oper_list.matrix[1][2]         0.0000000000 
_pdbx_struct_oper_list.matrix[1][3]         0.0000000000 
_pdbx_struct_oper_list.vector[1]            0.0000000000 
_pdbx_struct_oper_list.matrix[2][1]         0.0000000000 
_pdbx_struct_oper_list.matrix[2][2]         1.0000000000 
_pdbx_struct_oper_list.matrix[2][3]         0.0000000000 
_pdbx_struct_oper_list.vector[2]            0.0000000000 
_pdbx_struct_oper_list.matrix[3][1]         0.0000000000 
_pdbx_struct_oper_list.matrix[3][2]         0.0000000000 
_pdbx_struct_oper_list.matrix[3][3]         1.0000000000 
_pdbx_struct_oper_list.vector[3]            0.0000000000 
# 
loop_
_struct_conn.id 
_struct_conn.conn_type_id 
_struct_conn.pdbx_leaving_atom_flag 
_struct_conn.pdbx_PDB_id 
_struct_conn.ptnr1_label_asym_id 
_struct_conn.ptnr1_label_comp_id 
_struct_conn.ptnr1_label_seq_id 
_struct_conn.ptnr1_label_atom_id 
_struct_conn.pdbx_ptnr1_label_alt_id 
_struct_conn.pdbx_ptnr1_PDB_ins_code 
_struct_conn.pdbx_ptnr1_standard_comp_id 
_struct_conn.ptnr1_symmetry 
_struct_conn.ptnr2_label_asym_id 
_struct_conn.ptnr2_label_comp_id 
_struct_conn.ptnr2_label_seq_id 
_struct_conn.ptnr2_label_atom_id 
_struct_conn.pdbx_ptnr2_label_alt_id 
_struct_conn.pdbx_ptnr2_PDB_ins_code 
_struct_conn.ptnr1_auth_asym_id 
_struct_conn.ptnr1_auth_comp_id 
_struct_conn.ptnr1_auth_seq_id 
_struct_conn.ptnr2_auth_asym_id 
_struct_conn.ptnr2_auth_comp_id 
_struct_conn.ptnr2_auth_seq_id 
_struct_conn.ptnr2_symmetry 
_struct_conn.pdbx_ptnr3_label_atom_id 
_struct_conn.pdbx_ptnr3_label_seq_id 
_struct_conn.pdbx_ptnr3_label_comp_id 
_struct_conn.pdbx_ptnr3_label_asym_id 
_struct_conn.pdbx_ptnr3_label_alt_id 
_struct_conn.pdbx_ptnr3_PDB_ins_code 
_struct_conn.details 
_struct_conn.pdbx_dist_value 
_struct_conn.pdbx_value_order 
_struct_conn.pdbx_role 
hydrog1  hydrog ? ? A G 1  N1 ? ? ? 1_555 B C 15 N3 ? ? AAA G 1  BBB C 15 1_555 ? ? ? ? ? ? WATSON-CRICK  ? ? ? 
hydrog2  hydrog ? ? A G 1  N2 ? ? ? 1_555 B C 15 O2 ? ? AAA G 1  BBB C 15 1_555 ? ? ? ? ? ? WATSON-CRICK  ? ? ? 
hydrog3  hydrog ? ? A G 1  O6 ? ? ? 1_555 B C 15 N4 ? ? AAA G 1  BBB C 15 1_555 ? ? ? ? ? ? WATSON-CRICK  ? ? ? 
hydrog4  hydrog ? ? A G 2  N1 ? ? ? 1_555 B C 14 N3 ? ? AAA G 2  BBB C 14 1_555 ? ? ? ? ? ? WATSON-CRICK  ? ? ? 
hydrog5  hydrog ? ? A G 2  N2 ? ? ? 1_555 B C 14 O2 ? ? AAA G 2  BBB C 14 1_555 ? ? ? ? ? ? WATSON-CRICK  ? ? ? 
hydrog6  hydrog ? ? A G 2  O6 ? ? ? 1_555 B C 14 N4 ? ? AAA G 2  BBB C 14 1_555 ? ? ? ? ? ? WATSON-CRICK  ? ? ? 
hydrog7  hydrog ? ? A C 3  N3 ? ? ? 1_555 B G 13 N1 ? ? AAA C 3  BBB G 13 1_555 ? ? ? ? ? ? WATSON-CRICK  ? ? ? 
hydrog8  hydrog ? ? A C 3  N4 ? ? ? 1_555 B G 13 O6 ? ? AAA C 3  BBB G 13 1_555 ? ? ? ? ? ? WATSON-CRICK  ? ? ? 
hydrog9  hydrog ? ? A C 3  O2 ? ? ? 1_555 B G 13 N2 ? ? AAA C 3  BBB G 13 1_555 ? ? ? ? ? ? WATSON-CRICK  ? ? ? 
hydrog10 hydrog ? ? A A 4  N1 ? ? ? 1_555 B U 12 N3 ? ? AAA A 4  BBB U 12 1_555 ? ? ? ? ? ? WATSON-CRICK  ? ? ? 
hydrog11 hydrog ? ? A A 4  N6 ? ? ? 1_555 B U 12 O4 ? ? AAA A 4  BBB U 12 1_555 ? ? ? ? ? ? WATSON-CRICK  ? ? ? 
hydrog12 hydrog ? ? A C 5  N3 ? ? ? 1_555 B G 11 N1 ? ? AAA C 5  BBB G 11 1_555 ? ? ? ? ? ? WATSON-CRICK  ? ? ? 
hydrog13 hydrog ? ? A C 5  N4 ? ? ? 1_555 B G 11 O6 ? ? AAA C 5  BBB G 11 1_555 ? ? ? ? ? ? WATSON-CRICK  ? ? ? 
hydrog14 hydrog ? ? A C 5  O2 ? ? ? 1_555 B G 11 N2 ? ? AAA C 5  BBB G 11 1_555 ? ? ? ? ? ? WATSON-CRICK  ? ? ? 
hydrog15 hydrog ? ? A U 6  N3 ? ? ? 1_555 B A 10 N1 ? ? AAA U 6  BBB A 10 1_555 ? ? ? ? ? ? WATSON-CRICK  ? ? ? 
hydrog16 hydrog ? ? A U 6  O4 ? ? ? 1_555 B A 10 N6 ? ? AAA U 6  BBB A 10 1_555 ? ? ? ? ? ? WATSON-CRICK  ? ? ? 
hydrog17 hydrog ? ? A G 7  N2 ? ? ? 1_555 B G 8  N7 ? ? AAA G 7  BBB G 8  1_555 ? ? ? ? ? ? 'G-G MISPAIR' ? ? ? 
hydrog18 hydrog ? ? A A 9  N1 ? ? ? 1_555 B G 7  N2 ? ? AAA A 9  BBB G 7  1_555 ? ? ? ? ? ? 'A-G MISPAIR' ? ? ? 
hydrog19 hydrog ? ? A A 10 N1 ? ? ? 1_555 B U 6  N3 ? ? AAA A 10 BBB U 6  1_555 ? ? ? ? ? ? WATSON-CRICK  ? ? ? 
hydrog20 hydrog ? ? A A 10 N6 ? ? ? 1_555 B U 6  O4 ? ? AAA A 10 BBB U 6  1_555 ? ? ? ? ? ? WATSON-CRICK  ? ? ? 
hydrog21 hydrog ? ? A G 11 N1 ? ? ? 1_555 B C 5  N3 ? ? AAA G 11 BBB C 5  1_555 ? ? ? ? ? ? WATSON-CRICK  ? ? ? 
hydrog22 hydrog ? ? A G 11 N2 ? ? ? 1_555 B C 5  O2 ? ? AAA G 11 BBB C 5  1_555 ? ? ? ? ? ? WATSON-CRICK  ? ? ? 
hydrog23 hydrog ? ? A G 11 O6 ? ? ? 1_555 B C 5  N4 ? ? AAA G 11 BBB C 5  1_555 ? ? ? ? ? ? WATSON-CRICK  ? ? ? 
hydrog24 hydrog ? ? A U 12 N3 ? ? ? 1_555 B A 4  N1 ? ? AAA U 12 BBB A 4  1_555 ? ? ? ? ? ? WATSON-CRICK  ? ? ? 
hydrog25 hydrog ? ? A U 12 O4 ? ? ? 1_555 B A 4  N6 ? ? AAA U 12 BBB A 4  1_555 ? ? ? ? ? ? WATSON-CRICK  ? ? ? 
hydrog26 hydrog ? ? A G 13 N1 ? ? ? 1_555 B C 3  N3 ? ? AAA G 13 BBB C 3  1_555 ? ? ? ? ? ? WATSON-CRICK  ? ? ? 
hydrog27 hydrog ? ? A G 13 N2 ? ? ? 1_555 B C 3  O2 ? ? AAA G 13 BBB C 3  1_555 ? ? ? ? ? ? WATSON-CRICK  ? ? ? 
hydrog28 hydrog ? ? A G 13 O6 ? ? ? 1_555 B C 3  N4 ? ? AAA G 13 BBB C 3  1_555 ? ? ? ? ? ? WATSON-CRICK  ? ? ? 
hydrog29 hydrog ? ? A C 14 N3 ? ? ? 1_555 B G 2  N1 ? ? AAA C 14 BBB G 2  1_555 ? ? ? ? ? ? WATSON-CRICK  ? ? ? 
hydrog30 hydrog ? ? A C 14 N4 ? ? ? 1_555 B G 2  O6 ? ? AAA C 14 BBB G 2  1_555 ? ? ? ? ? ? WATSON-CRICK  ? ? ? 
hydrog31 hydrog ? ? A C 14 O2 ? ? ? 1_555 B G 2  N2 ? ? AAA C 14 BBB G 2  1_555 ? ? ? ? ? ? WATSON-CRICK  ? ? ? 
hydrog32 hydrog ? ? A C 15 N3 ? ? ? 1_555 B G 1  N1 ? ? AAA C 15 BBB G 1  1_555 ? ? ? ? ? ? WATSON-CRICK  ? ? ? 
hydrog33 hydrog ? ? A C 15 N4 ? ? ? 1_555 B G 1  O6 ? ? AAA C 15 BBB G 1  1_555 ? ? ? ? ? ? WATSON-CRICK  ? ? ? 
hydrog34 hydrog ? ? A C 15 O2 ? ? ? 1_555 B G 1  N2 ? ? AAA C 15 BBB G 1  1_555 ? ? ? ? ? ? WATSON-CRICK  ? ? ? 
# 
_struct_conn_type.id          hydrog 
_struct_conn_type.criteria    ? 
_struct_conn_type.reference   ? 
# 
_pdbx_entry_details.entry_id                   9IF1 
_pdbx_entry_details.nonpolymer_details         ? 
_pdbx_entry_details.sequence_details           ? 
_pdbx_entry_details.compound_details           ? 
_pdbx_entry_details.source_details             ? 
_pdbx_entry_details.has_ligand_of_interest     Y 
_pdbx_entry_details.has_protein_modification   N 
# 
loop_
_chem_comp_atom.comp_id 
_chem_comp_atom.atom_id 
_chem_comp_atom.type_symbol 
_chem_comp_atom.pdbx_aromatic_flag 
_chem_comp_atom.pdbx_stereo_config 
_chem_comp_atom.pdbx_ordinal 
A   OP3    O  N N 1   
A   P      P  N N 2   
A   OP1    O  N N 3   
A   OP2    O  N N 4   
A   "O5'"  O  N N 5   
A   "C5'"  C  N N 6   
A   "C4'"  C  N R 7   
A   "O4'"  O  N N 8   
A   "C3'"  C  N S 9   
A   "O3'"  O  N N 10  
A   "C2'"  C  N R 11  
A   "O2'"  O  N N 12  
A   "C1'"  C  N R 13  
A   N9     N  Y N 14  
A   C8     C  Y N 15  
A   N7     N  Y N 16  
A   C5     C  Y N 17  
A   C6     C  Y N 18  
A   N6     N  N N 19  
A   N1     N  Y N 20  
A   C2     C  Y N 21  
A   N3     N  Y N 22  
A   C4     C  Y N 23  
A   HOP3   H  N N 24  
A   HOP2   H  N N 25  
A   "H5'"  H  N N 26  
A   "H5''" H  N N 27  
A   "H4'"  H  N N 28  
A   "H3'"  H  N N 29  
A   "HO3'" H  N N 30  
A   "H2'"  H  N N 31  
A   "HO2'" H  N N 32  
A   "H1'"  H  N N 33  
A   H8     H  N N 34  
A   H61    H  N N 35  
A   H62    H  N N 36  
A   H2     H  N N 37  
C   OP3    O  N N 38  
C   P      P  N N 39  
C   OP1    O  N N 40  
C   OP2    O  N N 41  
C   "O5'"  O  N N 42  
C   "C5'"  C  N N 43  
C   "C4'"  C  N R 44  
C   "O4'"  O  N N 45  
C   "C3'"  C  N S 46  
C   "O3'"  O  N N 47  
C   "C2'"  C  N R 48  
C   "O2'"  O  N N 49  
C   "C1'"  C  N R 50  
C   N1     N  N N 51  
C   C2     C  N N 52  
C   O2     O  N N 53  
C   N3     N  N N 54  
C   C4     C  N N 55  
C   N4     N  N N 56  
C   C5     C  N N 57  
C   C6     C  N N 58  
C   HOP3   H  N N 59  
C   HOP2   H  N N 60  
C   "H5'"  H  N N 61  
C   "H5''" H  N N 62  
C   "H4'"  H  N N 63  
C   "H3'"  H  N N 64  
C   "HO3'" H  N N 65  
C   "H2'"  H  N N 66  
C   "HO2'" H  N N 67  
C   "H1'"  H  N N 68  
C   H41    H  N N 69  
C   H42    H  N N 70  
C   H5     H  N N 71  
C   H6     H  N N 72  
G   OP3    O  N N 73  
G   P      P  N N 74  
G   OP1    O  N N 75  
G   OP2    O  N N 76  
G   "O5'"  O  N N 77  
G   "C5'"  C  N N 78  
G   "C4'"  C  N R 79  
G   "O4'"  O  N N 80  
G   "C3'"  C  N S 81  
G   "O3'"  O  N N 82  
G   "C2'"  C  N R 83  
G   "O2'"  O  N N 84  
G   "C1'"  C  N R 85  
G   N9     N  Y N 86  
G   C8     C  Y N 87  
G   N7     N  Y N 88  
G   C5     C  Y N 89  
G   C6     C  N N 90  
G   O6     O  N N 91  
G   N1     N  N N 92  
G   C2     C  N N 93  
G   N2     N  N N 94  
G   N3     N  N N 95  
G   C4     C  Y N 96  
G   HOP3   H  N N 97  
G   HOP2   H  N N 98  
G   "H5'"  H  N N 99  
G   "H5''" H  N N 100 
G   "H4'"  H  N N 101 
G   "H3'"  H  N N 102 
G   "HO3'" H  N N 103 
G   "H2'"  H  N N 104 
G   "HO2'" H  N N 105 
G   "H1'"  H  N N 106 
G   H8     H  N N 107 
G   H1     H  N N 108 
G   H21    H  N N 109 
G   H22    H  N N 110 
HOH O      O  N N 111 
HOH H1     H  N N 112 
HOH H2     H  N N 113 
NCO CO     CO N N 114 
NCO N1     N  N N 115 
NCO N2     N  N N 116 
NCO N3     N  N N 117 
NCO N4     N  N N 118 
NCO N5     N  N N 119 
NCO N6     N  N N 120 
NCO HN11   H  N N 121 
NCO HN12   H  N N 122 
NCO HN13   H  N N 123 
NCO HN21   H  N N 124 
NCO HN22   H  N N 125 
NCO HN23   H  N N 126 
NCO HN31   H  N N 127 
NCO HN32   H  N N 128 
NCO HN33   H  N N 129 
NCO HN41   H  N N 130 
NCO HN42   H  N N 131 
NCO HN43   H  N N 132 
NCO HN51   H  N N 133 
NCO HN52   H  N N 134 
NCO HN53   H  N N 135 
NCO HN61   H  N N 136 
NCO HN62   H  N N 137 
NCO HN63   H  N N 138 
U   OP3    O  N N 139 
U   P      P  N N 140 
U   OP1    O  N N 141 
U   OP2    O  N N 142 
U   "O5'"  O  N N 143 
U   "C5'"  C  N N 144 
U   "C4'"  C  N R 145 
U   "O4'"  O  N N 146 
U   "C3'"  C  N S 147 
U   "O3'"  O  N N 148 
U   "C2'"  C  N R 149 
U   "O2'"  O  N N 150 
U   "C1'"  C  N R 151 
U   N1     N  N N 152 
U   C2     C  N N 153 
U   O2     O  N N 154 
U   N3     N  N N 155 
U   C4     C  N N 156 
U   O4     O  N N 157 
U   C5     C  N N 158 
U   C6     C  N N 159 
U   HOP3   H  N N 160 
U   HOP2   H  N N 161 
U   "H5'"  H  N N 162 
U   "H5''" H  N N 163 
U   "H4'"  H  N N 164 
U   "H3'"  H  N N 165 
U   "HO3'" H  N N 166 
U   "H2'"  H  N N 167 
U   "HO2'" H  N N 168 
U   "H1'"  H  N N 169 
U   H3     H  N N 170 
U   H5     H  N N 171 
U   H6     H  N N 172 
# 
loop_
_chem_comp_bond.comp_id 
_chem_comp_bond.atom_id_1 
_chem_comp_bond.atom_id_2 
_chem_comp_bond.value_order 
_chem_comp_bond.pdbx_aromatic_flag 
_chem_comp_bond.pdbx_stereo_config 
_chem_comp_bond.pdbx_ordinal 
A   OP3   P      sing N N 1   
A   OP3   HOP3   sing N N 2   
A   P     OP1    doub N N 3   
A   P     OP2    sing N N 4   
A   P     "O5'"  sing N N 5   
A   OP2   HOP2   sing N N 6   
A   "O5'" "C5'"  sing N N 7   
A   "C5'" "C4'"  sing N N 8   
A   "C5'" "H5'"  sing N N 9   
A   "C5'" "H5''" sing N N 10  
A   "C4'" "O4'"  sing N N 11  
A   "C4'" "C3'"  sing N N 12  
A   "C4'" "H4'"  sing N N 13  
A   "O4'" "C1'"  sing N N 14  
A   "C3'" "O3'"  sing N N 15  
A   "C3'" "C2'"  sing N N 16  
A   "C3'" "H3'"  sing N N 17  
A   "O3'" "HO3'" sing N N 18  
A   "C2'" "O2'"  sing N N 19  
A   "C2'" "C1'"  sing N N 20  
A   "C2'" "H2'"  sing N N 21  
A   "O2'" "HO2'" sing N N 22  
A   "C1'" N9     sing N N 23  
A   "C1'" "H1'"  sing N N 24  
A   N9    C8     sing Y N 25  
A   N9    C4     sing Y N 26  
A   C8    N7     doub Y N 27  
A   C8    H8     sing N N 28  
A   N7    C5     sing Y N 29  
A   C5    C6     sing Y N 30  
A   C5    C4     doub Y N 31  
A   C6    N6     sing N N 32  
A   C6    N1     doub Y N 33  
A   N6    H61    sing N N 34  
A   N6    H62    sing N N 35  
A   N1    C2     sing Y N 36  
A   C2    N3     doub Y N 37  
A   C2    H2     sing N N 38  
A   N3    C4     sing Y N 39  
C   OP3   P      sing N N 40  
C   OP3   HOP3   sing N N 41  
C   P     OP1    doub N N 42  
C   P     OP2    sing N N 43  
C   P     "O5'"  sing N N 44  
C   OP2   HOP2   sing N N 45  
C   "O5'" "C5'"  sing N N 46  
C   "C5'" "C4'"  sing N N 47  
C   "C5'" "H5'"  sing N N 48  
C   "C5'" "H5''" sing N N 49  
C   "C4'" "O4'"  sing N N 50  
C   "C4'" "C3'"  sing N N 51  
C   "C4'" "H4'"  sing N N 52  
C   "O4'" "C1'"  sing N N 53  
C   "C3'" "O3'"  sing N N 54  
C   "C3'" "C2'"  sing N N 55  
C   "C3'" "H3'"  sing N N 56  
C   "O3'" "HO3'" sing N N 57  
C   "C2'" "O2'"  sing N N 58  
C   "C2'" "C1'"  sing N N 59  
C   "C2'" "H2'"  sing N N 60  
C   "O2'" "HO2'" sing N N 61  
C   "C1'" N1     sing N N 62  
C   "C1'" "H1'"  sing N N 63  
C   N1    C2     sing N N 64  
C   N1    C6     sing N N 65  
C   C2    O2     doub N N 66  
C   C2    N3     sing N N 67  
C   N3    C4     doub N N 68  
C   C4    N4     sing N N 69  
C   C4    C5     sing N N 70  
C   N4    H41    sing N N 71  
C   N4    H42    sing N N 72  
C   C5    C6     doub N N 73  
C   C5    H5     sing N N 74  
C   C6    H6     sing N N 75  
G   OP3   P      sing N N 76  
G   OP3   HOP3   sing N N 77  
G   P     OP1    doub N N 78  
G   P     OP2    sing N N 79  
G   P     "O5'"  sing N N 80  
G   OP2   HOP2   sing N N 81  
G   "O5'" "C5'"  sing N N 82  
G   "C5'" "C4'"  sing N N 83  
G   "C5'" "H5'"  sing N N 84  
G   "C5'" "H5''" sing N N 85  
G   "C4'" "O4'"  sing N N 86  
G   "C4'" "C3'"  sing N N 87  
G   "C4'" "H4'"  sing N N 88  
G   "O4'" "C1'"  sing N N 89  
G   "C3'" "O3'"  sing N N 90  
G   "C3'" "C2'"  sing N N 91  
G   "C3'" "H3'"  sing N N 92  
G   "O3'" "HO3'" sing N N 93  
G   "C2'" "O2'"  sing N N 94  
G   "C2'" "C1'"  sing N N 95  
G   "C2'" "H2'"  sing N N 96  
G   "O2'" "HO2'" sing N N 97  
G   "C1'" N9     sing N N 98  
G   "C1'" "H1'"  sing N N 99  
G   N9    C8     sing Y N 100 
G   N9    C4     sing Y N 101 
G   C8    N7     doub Y N 102 
G   C8    H8     sing N N 103 
G   N7    C5     sing Y N 104 
G   C5    C6     sing N N 105 
G   C5    C4     doub Y N 106 
G   C6    O6     doub N N 107 
G   C6    N1     sing N N 108 
G   N1    C2     sing N N 109 
G   N1    H1     sing N N 110 
G   C2    N2     sing N N 111 
G   C2    N3     doub N N 112 
G   N2    H21    sing N N 113 
G   N2    H22    sing N N 114 
G   N3    C4     sing N N 115 
HOH O     H1     sing N N 116 
HOH O     H2     sing N N 117 
NCO CO    N1     sing N N 118 
NCO CO    N2     sing N N 119 
NCO CO    N3     sing N N 120 
NCO CO    N4     sing N N 121 
NCO CO    N5     sing N N 122 
NCO CO    N6     sing N N 123 
NCO N1    HN11   sing N N 124 
NCO N1    HN12   sing N N 125 
NCO N1    HN13   sing N N 126 
NCO N2    HN21   sing N N 127 
NCO N2    HN22   sing N N 128 
NCO N2    HN23   sing N N 129 
NCO N3    HN31   sing N N 130 
NCO N3    HN32   sing N N 131 
NCO N3    HN33   sing N N 132 
NCO N4    HN41   sing N N 133 
NCO N4    HN42   sing N N 134 
NCO N4    HN43   sing N N 135 
NCO N5    HN51   sing N N 136 
NCO N5    HN52   sing N N 137 
NCO N5    HN53   sing N N 138 
NCO N6    HN61   sing N N 139 
NCO N6    HN62   sing N N 140 
NCO N6    HN63   sing N N 141 
U   OP3   P      sing N N 142 
U   OP3   HOP3   sing N N 143 
U   P     OP1    doub N N 144 
U   P     OP2    sing N N 145 
U   P     "O5'"  sing N N 146 
U   OP2   HOP2   sing N N 147 
U   "O5'" "C5'"  sing N N 148 
U   "C5'" "C4'"  sing N N 149 
U   "C5'" "H5'"  sing N N 150 
U   "C5'" "H5''" sing N N 151 
U   "C4'" "O4'"  sing N N 152 
U   "C4'" "C3'"  sing N N 153 
U   "C4'" "H4'"  sing N N 154 
U   "O4'" "C1'"  sing N N 155 
U   "C3'" "O3'"  sing N N 156 
U   "C3'" "C2'"  sing N N 157 
U   "C3'" "H3'"  sing N N 158 
U   "O3'" "HO3'" sing N N 159 
U   "C2'" "O2'"  sing N N 160 
U   "C2'" "C1'"  sing N N 161 
U   "C2'" "H2'"  sing N N 162 
U   "O2'" "HO2'" sing N N 163 
U   "C1'" N1     sing N N 164 
U   "C1'" "H1'"  sing N N 165 
U   N1    C2     sing N N 166 
U   N1    C6     sing N N 167 
U   C2    O2     doub N N 168 
U   C2    N3     sing N N 169 
U   N3    C4     sing N N 170 
U   N3    H3     sing N N 171 
U   C4    O4     doub N N 172 
U   C4    C5     sing N N 173 
U   C5    C6     doub N N 174 
U   C5    H5     sing N N 175 
U   C6    H6     sing N N 176 
# 
loop_
_ndb_struct_conf_na.entry_id 
_ndb_struct_conf_na.feature 
9IF1 'double helix'        
9IF1 'a-form double helix' 
# 
loop_
_ndb_struct_na_base_pair.model_number 
_ndb_struct_na_base_pair.i_label_asym_id 
_ndb_struct_na_base_pair.i_label_comp_id 
_ndb_struct_na_base_pair.i_label_seq_id 
_ndb_struct_na_base_pair.i_symmetry 
_ndb_struct_na_base_pair.j_label_asym_id 
_ndb_struct_na_base_pair.j_label_comp_id 
_ndb_struct_na_base_pair.j_label_seq_id 
_ndb_struct_na_base_pair.j_symmetry 
_ndb_struct_na_base_pair.shear 
_ndb_struct_na_base_pair.stretch 
_ndb_struct_na_base_pair.stagger 
_ndb_struct_na_base_pair.buckle 
_ndb_struct_na_base_pair.propeller 
_ndb_struct_na_base_pair.opening 
_ndb_struct_na_base_pair.pair_number 
_ndb_struct_na_base_pair.pair_name 
_ndb_struct_na_base_pair.i_auth_asym_id 
_ndb_struct_na_base_pair.i_auth_seq_id 
_ndb_struct_na_base_pair.i_PDB_ins_code 
_ndb_struct_na_base_pair.j_auth_asym_id 
_ndb_struct_na_base_pair.j_auth_seq_id 
_ndb_struct_na_base_pair.j_PDB_ins_code 
_ndb_struct_na_base_pair.hbond_type_28 
_ndb_struct_na_base_pair.hbond_type_12 
1 A G 1  1_555 B C 15 1_555 -0.382 -0.198 0.053  -9.962  -11.966 0.319   1  AAA_G1:C15_BBB AAA 1  ? BBB 15 ? 19 1 
1 A G 2  1_555 B C 14 1_555 0.198  -0.044 -0.425 -13.812 -21.453 -1.522  2  AAA_G2:C14_BBB AAA 2  ? BBB 14 ? 19 1 
1 A C 3  1_555 B G 13 1_555 0.168  -0.067 -0.012 6.945   -14.936 3.705   3  AAA_C3:G13_BBB AAA 3  ? BBB 13 ? 19 1 
1 A A 4  1_555 B U 12 1_555 0.203  -0.079 0.755  2.491   -9.282  -6.722  4  AAA_A4:U12_BBB AAA 4  ? BBB 12 ? 20 1 
1 A C 5  1_555 B G 11 1_555 0.205  0.124  -0.038 2.625   -25.086 1.658   5  AAA_C5:G11_BBB AAA 5  ? BBB 11 ? 19 1 
1 A U 6  1_555 B A 10 1_555 1.036  0.100  0.711  -11.629 -8.630  8.388   6  AAA_U6:A10_BBB AAA 6  ? BBB 10 ? 20 1 
1 A G 7  1_555 B G 8  1_555 6.680  -2.546 0.354  -4.047  -51.574 -56.821 7  AAA_G7:G8_BBB  AAA 7  ? BBB 8  ? ?  4 
1 A A 9  1_555 B G 7  1_555 -1.527 5.943  0.241  -12.467 0.084   103.146 8  AAA_A9:G7_BBB  AAA 9  ? BBB 7  ? ?  ? 
1 A A 10 1_555 B U 6  1_555 -0.608 0.019  -0.028 -3.296  0.449   -2.401  9  AAA_A10:U6_BBB AAA 10 ? BBB 6  ? 20 1 
1 A G 11 1_555 B C 5  1_555 -0.894 0.034  0.035  -5.206  -12.874 3.459   10 AAA_G11:C5_BBB AAA 11 ? BBB 5  ? 19 1 
1 A U 12 1_555 B A 4  1_555 0.427  -0.054 0.421  -9.188  -11.518 -0.482  11 AAA_U12:A4_BBB AAA 12 ? BBB 4  ? 20 1 
1 A G 13 1_555 B C 3  1_555 0.220  -0.006 0.163  5.225   -9.841  -0.714  12 AAA_G13:C3_BBB AAA 13 ? BBB 3  ? 19 1 
1 A C 14 1_555 B G 2  1_555 0.383  -0.121 0.205  3.842   -7.396  0.272   13 AAA_C14:G2_BBB AAA 14 ? BBB 2  ? 19 1 
1 A C 15 1_555 B G 1  1_555 0.523  -0.465 0.156  2.860   -2.972  -2.497  14 AAA_C15:G1_BBB AAA 15 ? BBB 1  ? 19 1 
# 
loop_
_ndb_struct_na_base_pair_step.model_number 
_ndb_struct_na_base_pair_step.i_label_asym_id_1 
_ndb_struct_na_base_pair_step.i_label_comp_id_1 
_ndb_struct_na_base_pair_step.i_label_seq_id_1 
_ndb_struct_na_base_pair_step.i_symmetry_1 
_ndb_struct_na_base_pair_step.j_label_asym_id_1 
_ndb_struct_na_base_pair_step.j_label_comp_id_1 
_ndb_struct_na_base_pair_step.j_label_seq_id_1 
_ndb_struct_na_base_pair_step.j_symmetry_1 
_ndb_struct_na_base_pair_step.i_label_asym_id_2 
_ndb_struct_na_base_pair_step.i_label_comp_id_2 
_ndb_struct_na_base_pair_step.i_label_seq_id_2 
_ndb_struct_na_base_pair_step.i_symmetry_2 
_ndb_struct_na_base_pair_step.j_label_asym_id_2 
_ndb_struct_na_base_pair_step.j_label_comp_id_2 
_ndb_struct_na_base_pair_step.j_label_seq_id_2 
_ndb_struct_na_base_pair_step.j_symmetry_2 
_ndb_struct_na_base_pair_step.shift 
_ndb_struct_na_base_pair_step.slide 
_ndb_struct_na_base_pair_step.rise 
_ndb_struct_na_base_pair_step.tilt 
_ndb_struct_na_base_pair_step.roll 
_ndb_struct_na_base_pair_step.twist 
_ndb_struct_na_base_pair_step.x_displacement 
_ndb_struct_na_base_pair_step.y_displacement 
_ndb_struct_na_base_pair_step.helical_rise 
_ndb_struct_na_base_pair_step.inclination 
_ndb_struct_na_base_pair_step.tip 
_ndb_struct_na_base_pair_step.helical_twist 
_ndb_struct_na_base_pair_step.step_number 
_ndb_struct_na_base_pair_step.step_name 
_ndb_struct_na_base_pair_step.i_auth_asym_id_1 
_ndb_struct_na_base_pair_step.i_auth_seq_id_1 
_ndb_struct_na_base_pair_step.i_PDB_ins_code_1 
_ndb_struct_na_base_pair_step.j_auth_asym_id_1 
_ndb_struct_na_base_pair_step.j_auth_seq_id_1 
_ndb_struct_na_base_pair_step.j_PDB_ins_code_1 
_ndb_struct_na_base_pair_step.i_auth_asym_id_2 
_ndb_struct_na_base_pair_step.i_auth_seq_id_2 
_ndb_struct_na_base_pair_step.i_PDB_ins_code_2 
_ndb_struct_na_base_pair_step.j_auth_asym_id_2 
_ndb_struct_na_base_pair_step.j_auth_seq_id_2 
_ndb_struct_na_base_pair_step.j_PDB_ins_code_2 
1 A G 1  1_555 B C 15 1_555 A G 2  1_555 B C 14 1_555 -0.226 -1.818 3.441  2.564   6.922    31.809 -4.427 0.845  2.963  12.421  
-4.601  32.633  1  AAAAAA_G1G2:C14C15_BBBBBB AAA 1  ? BBB 15 ? AAA 2  ? BBB 14 ? 
1 A G 2  1_555 B C 14 1_555 A C 3  1_555 B G 13 1_555 -0.225 -1.553 2.858  -7.595  -2.119   31.481 -2.446 -0.797 2.927  -3.830  
13.731  32.430  2  AAAAAA_G2C3:G13C14_BBBBBB AAA 2  ? BBB 14 ? AAA 3  ? BBB 13 ? 
1 A C 3  1_555 B G 13 1_555 A A 4  1_555 B U 12 1_555 -0.767 -1.938 3.088  -7.949  7.138    32.811 -4.283 0.167  2.726  12.239  
13.629  34.462  3  AAAAAA_C3A4:U12G13_BBBBBB AAA 3  ? BBB 13 ? AAA 4  ? BBB 12 ? 
1 A A 4  1_555 B U 12 1_555 A C 5  1_555 B G 11 1_555 0.447  -1.381 3.111  7.963   1.994    32.120 -2.743 0.497  3.043  3.532   
-14.105 33.126  4  AAAAAA_A4C5:G11U12_BBBBBB AAA 4  ? BBB 12 ? AAA 5  ? BBB 11 ? 
1 A C 5  1_555 B G 11 1_555 A U 6  1_555 B A 10 1_555 0.295  -1.459 3.579  -3.549  5.979    40.512 -2.768 -0.828 3.303  8.558   
5.080   41.080  5  AAAAAA_C5U6:A10G11_BBBBBB AAA 5  ? BBB 11 ? AAA 6  ? BBB 10 ? 
1 A U 6  1_555 B A 10 1_555 A G 7  1_555 B G 8  1_555 -4.041 -2.769 3.127  -4.672  23.619   60.839 -3.430 3.592  2.300  22.406  
4.432   65.003  6  AAAAAA_U6G7:G8A10_BBBBBB  AAA 6  ? BBB 10 ? AAA 7  ? BBB 8  ? 
1 A G 7  1_555 B G 8  1_555 A A 9  1_555 B G 7  1_555 2.539  6.476  -0.697 159.687 -70.073  3.627  3.048  -1.714 -0.299 -36.129 
-82.333 174.388 7  AAAAAA_G7A9:G7G8_BBBBBB   AAA 7  ? BBB 8  ? AAA 9  ? BBB 7  ? 
1 A A 9  1_555 B G 7  1_555 A A 10 1_555 B U 6  1_555 -1.971 -3.008 -0.825 104.461 -140.014 85.513 -1.589 0.923  0.344  -70.690 
-52.740 176.101 8  AAAAAA_A9A10:U6G7_BBBBBB  AAA 9  ? BBB 7  ? AAA 10 ? BBB 6  ? 
1 A A 10 1_555 B U 6  1_555 A G 11 1_555 B C 5  1_555 0.481  -1.962 3.203  -1.908  13.563   27.714 -5.910 -1.216 2.009  26.372  
3.710   30.854  9  AAAAAA_A10G11:C5U6_BBBBBB AAA 10 ? BBB 6  ? AAA 11 ? BBB 5  ? 
1 A G 11 1_555 B C 5  1_555 A U 12 1_555 B A 4  1_555 -0.494 -1.490 3.282  -2.209  6.222    39.489 -2.872 0.476  3.044  9.131   
3.242   40.016  10 AAAAAA_G11U12:A4C5_BBBBBB AAA 11 ? BBB 5  ? AAA 12 ? BBB 4  ? 
1 A U 12 1_555 B A 4  1_555 A G 13 1_555 B C 3  1_555 -0.032 -1.467 2.732  2.658   8.684    30.959 -3.843 0.425  2.239  15.845  
-4.850  32.232  11 AAAAAA_U12G13:C3A4_BBBBBB AAA 12 ? BBB 4  ? AAA 13 ? BBB 3  ? 
1 A G 13 1_555 B C 3  1_555 A C 14 1_555 B G 2  1_555 0.325  -1.563 3.202  1.394   8.302    35.477 -3.571 -0.340 2.788  13.392  
-2.249  36.431  12 AAAAAA_G13C14:G2C3_BBBBBB AAA 13 ? BBB 3  ? AAA 14 ? BBB 2  ? 
1 A C 14 1_555 B G 2  1_555 A C 15 1_555 B G 1  1_555 0.191  -1.862 3.162  1.328   8.862    30.587 -4.833 -0.132 2.542  16.362  
-2.451  31.843  13 AAAAAA_C14C15:G1G2_BBBBBB AAA 14 ? BBB 2  ? AAA 15 ? BBB 1  ? 
# 
loop_
_pdbx_audit_support.funding_organization 
_pdbx_audit_support.country 
_pdbx_audit_support.grant_number 
_pdbx_audit_support.ordinal 
'Polish National Science Centre' Poland 2022/45/B/NZ7/03543 1 
'Polish National Science Centre' Poland 2017/26/E/NZ1/00950 2 
# 
_pdbx_initial_refinement_model.id               1 
_pdbx_initial_refinement_model.entity_id_list   ? 
_pdbx_initial_refinement_model.type             'experimental model' 
_pdbx_initial_refinement_model.source_name      PDB 
_pdbx_initial_refinement_model.accession_code   9I9W 
_pdbx_initial_refinement_model.details          ? 
# 
_atom_sites.entry_id                    9IF1 
_atom_sites.Cartn_transf_matrix[1][1]   ? 
_atom_sites.Cartn_transf_matrix[1][2]   ? 
_atom_sites.Cartn_transf_matrix[1][3]   ? 
_atom_sites.Cartn_transf_matrix[2][1]   ? 
_atom_sites.Cartn_transf_matrix[2][2]   ? 
_atom_sites.Cartn_transf_matrix[2][3]   ? 
_atom_sites.Cartn_transf_matrix[3][1]   ? 
_atom_sites.Cartn_transf_matrix[3][2]   ? 
_atom_sites.Cartn_transf_matrix[3][3]   ? 
_atom_sites.Cartn_transf_vector[1]      ? 
_atom_sites.Cartn_transf_vector[2]      ? 
_atom_sites.Cartn_transf_vector[3]      ? 
_atom_sites.Cartn_transform_axes        ? 
_atom_sites.fract_transf_matrix[1][1]   0.00258465 
_atom_sites.fract_transf_matrix[1][2]   0.02572032 
_atom_sites.fract_transf_matrix[1][3]   0.01435860 
_atom_sites.fract_transf_matrix[2][1]   0.02308917 
_atom_sites.fract_transf_matrix[2][2]   -0.01071953 
_atom_sites.fract_transf_matrix[2][3]   0.01504549 
_atom_sites.fract_transf_matrix[3][1]   0.00363674 
_atom_sites.fract_transf_matrix[3][2]   0.00196760 
_atom_sites.fract_transf_matrix[3][3]   -0.00417916 
_atom_sites.fract_transf_vector[1]      -0.158681 
_atom_sites.fract_transf_vector[2]      0.403402 
_atom_sites.fract_transf_vector[3]      -0.002882 
_atom_sites.solution_primary            ? 
_atom_sites.solution_secondary          ? 
_atom_sites.solution_hydrogens          ? 
_atom_sites.special_details             ? 
# 
loop_
_atom_type.symbol 
_atom_type.pdbx_scat_Z 
_atom_type.pdbx_N_electrons 
_atom_type.scat_Cromer_Mann_a1 
_atom_type.scat_Cromer_Mann_b1 
_atom_type.scat_Cromer_Mann_a2 
_atom_type.scat_Cromer_Mann_b2 
_atom_type.scat_Cromer_Mann_a3 
_atom_type.scat_Cromer_Mann_b3 
_atom_type.scat_Cromer_Mann_a4 
_atom_type.scat_Cromer_Mann_b4 
_atom_type.scat_Cromer_Mann_c 
C  6  6  2.310  20.844 1.020 10.208 1.589 0.569  0.865 51.651 0.216   
CO 27 27 12.289 4.279  7.344 0.278  4.005 13.536 2.350 71.169 1.193   
H  1  1  0.493  10.511 0.323 26.126 0.140 3.142  0.041 57.800 0.003   
N  7  7  12.222 0.006  3.135 9.893  2.014 28.997 1.167 0.583  -11.538 
O  8  8  3.049  13.277 2.287 5.701  1.546 0.324  0.867 32.909 0.251   
P  15 15 6.435  1.907  4.179 27.157 1.780 0.526  1.491 68.164 1.265   
# 
loop_
_atom_site.group_PDB 
_atom_site.id 
_atom_site.type_symbol 
_atom_site.label_atom_id 
_atom_site.label_alt_id 
_atom_site.label_comp_id 
_atom_site.label_asym_id 
_atom_site.label_entity_id 
_atom_site.label_seq_id 
_atom_site.pdbx_PDB_ins_code 
_atom_site.Cartn_x 
_atom_site.Cartn_y 
_atom_site.Cartn_z 
_atom_site.occupancy 
_atom_site.B_iso_or_equiv 
_atom_site.pdbx_formal_charge 
_atom_site.auth_seq_id 
_atom_site.auth_comp_id 
_atom_site.auth_asym_id 
_atom_site.auth_atom_id 
_atom_site.pdbx_PDB_model_num 
_atom_site.calc_flag 
ATOM   1   O  "O5'" . G   A 1 1  ? 4.901   14.726  -15.197 1.000 30.000 ? 1   G   AAA "O5'" 1 ? 
ATOM   2   C  "C5'" . G   A 1 1  ? 4.186   14.696  -16.449 1.000 30.000 ? 1   G   AAA "C5'" 1 ? 
ATOM   3   C  "C4'" . G   A 1 1  ? 4.482   13.415  -17.220 1.000 30.000 ? 1   G   AAA "C4'" 1 ? 
ATOM   4   O  "O4'" . G   A 1 1  ? 5.842   13.431  -17.748 1.000 30.000 ? 1   G   AAA "O4'" 1 ? 
ATOM   5   C  "C3'" . G   A 1 1  ? 4.382   12.077  -16.488 1.000 30.000 ? 1   G   AAA "C3'" 1 ? 
ATOM   6   O  "O3'" . G   A 1 1  ? 3.017   11.655  -16.302 1.000 30.000 ? 1   G   AAA "O3'" 1 ? 
ATOM   7   C  "C2'" . G   A 1 1  ? 5.182   11.209  -17.440 1.000 30.000 ? 1   G   AAA "C2'" 1 ? 
ATOM   8   O  "O2'" . G   A 1 1  ? 4.452   11.014  -18.623 1.000 30.000 ? 1   G   AAA "O2'" 1 ? 
ATOM   9   C  "C1'" . G   A 1 1  ? 6.367   12.125  -17.736 1.000 30.000 ? 1   G   AAA "C1'" 1 ? 
ATOM   10  N  N9    . G   A 1 1  ? 7.396   12.041  -16.708 1.000 30.000 ? 1   G   AAA N9    1 ? 
ATOM   11  C  C8    . G   A 1 1  ? 7.650   12.922  -15.687 1.000 30.000 ? 1   G   AAA C8    1 ? 
ATOM   12  N  N7    . G   A 1 1  ? 8.630   12.539  -14.913 1.000 30.000 ? 1   G   AAA N7    1 ? 
ATOM   13  C  C5    . G   A 1 1  ? 9.025   11.319  -15.441 1.000 30.000 ? 1   G   AAA C5    1 ? 
ATOM   14  C  C6    . G   A 1 1  ? 10.043  10.413  -15.019 1.000 30.000 ? 1   G   AAA C6    1 ? 
ATOM   15  O  O6    . G   A 1 1  ? 10.817  10.508  -14.057 1.000 30.000 ? 1   G   AAA O6    1 ? 
ATOM   16  N  N1    . G   A 1 1  ? 10.114  9.307   -15.855 1.000 30.000 ? 1   G   AAA N1    1 ? 
ATOM   17  C  C2    . G   A 1 1  ? 9.316   9.093   -16.949 1.000 30.000 ? 1   G   AAA C2    1 ? 
ATOM   18  N  N2    . G   A 1 1  ? 9.529   7.959   -17.627 1.000 30.000 ? 1   G   AAA N2    1 ? 
ATOM   19  N  N3    . G   A 1 1  ? 8.363   9.919   -17.344 1.000 30.000 ? 1   G   AAA N3    1 ? 
ATOM   20  C  C4    . G   A 1 1  ? 8.278   11.005  -16.554 1.000 30.000 ? 1   G   AAA C4    1 ? 
ATOM   21  P  P     . G   A 1 2  ? 2.589   10.473  -15.250 1.000 30.000 ? 2   G   AAA P     1 ? 
ATOM   22  O  OP1   . G   A 1 2  ? 1.123   10.493  -15.113 1.000 30.000 ? 2   G   AAA OP1   1 ? 
ATOM   23  O  OP2   . G   A 1 2  ? 3.442   10.558  -14.044 1.000 30.000 ? 2   G   AAA OP2   1 ? 
ATOM   24  O  "O5'" . G   A 1 2  ? 2.834   9.152   -16.087 1.000 30.000 ? 2   G   AAA "O5'" 1 ? 
ATOM   25  C  "C5'" . G   A 1 2  ? 3.182   7.955   -15.411 1.000 30.000 ? 2   G   AAA "C5'" 1 ? 
ATOM   26  C  "C4'" . G   A 1 2  ? 3.949   7.053   -16.335 1.000 30.000 ? 2   G   AAA "C4'" 1 ? 
ATOM   27  O  "O4'" . G   A 1 2  ? 5.125   7.725   -16.840 1.000 30.000 ? 2   G   AAA "O4'" 1 ? 
ATOM   28  C  "C3'" . G   A 1 2  ? 4.423   5.786   -15.645 1.000 30.000 ? 2   G   AAA "C3'" 1 ? 
ATOM   29  O  "O3'" . G   A 1 2  ? 3.469   4.799   -15.993 1.000 30.000 ? 2   G   AAA "O3'" 1 ? 
ATOM   30  C  "C2'" . G   A 1 2  ? 5.818   5.544   -16.205 1.000 30.000 ? 2   G   AAA "C2'" 1 ? 
ATOM   31  O  "O2'" . G   A 1 2  ? 5.962   4.611   -17.248 1.000 30.000 ? 2   G   AAA "O2'" 1 ? 
ATOM   32  C  "C1'" . G   A 1 2  ? 6.267   6.962   -16.531 1.000 30.000 ? 2   G   AAA "C1'" 1 ? 
ATOM   33  N  N9    . G   A 1 2  ? 6.915   7.546   -15.374 1.000 30.000 ? 2   G   AAA N9    1 ? 
ATOM   34  C  C8    . G   A 1 2  ? 6.565   8.672   -14.672 1.000 30.000 ? 2   G   AAA C8    1 ? 
ATOM   35  N  N7    . G   A 1 2  ? 7.365   8.918   -13.671 1.000 30.000 ? 2   G   AAA N7    1 ? 
ATOM   36  C  C5    . G   A 1 2  ? 8.281   7.876   -13.701 1.000 30.000 ? 2   G   AAA C5    1 ? 
ATOM   37  C  C6    . G   A 1 2  ? 9.377   7.593   -12.853 1.000 30.000 ? 2   G   AAA C6    1 ? 
ATOM   38  O  O6    . G   A 1 2  ? 9.780   8.236   -11.877 1.000 30.000 ? 2   G   AAA O6    1 ? 
ATOM   39  N  N1    . G   A 1 2  ? 10.041  6.435   -13.242 1.000 30.000 ? 2   G   AAA N1    1 ? 
ATOM   40  C  C2    . G   A 1 2  ? 9.691   5.650   -14.313 1.000 30.000 ? 2   G   AAA C2    1 ? 
ATOM   41  N  N2    . G   A 1 2  ? 10.458  4.576   -14.535 1.000 30.000 ? 2   G   AAA N2    1 ? 
ATOM   42  N  N3    . G   A 1 2  ? 8.664   5.895   -15.103 1.000 30.000 ? 2   G   AAA N3    1 ? 
ATOM   43  C  C4    . G   A 1 2  ? 8.013   7.020   -14.746 1.000 30.000 ? 2   G   AAA C4    1 ? 
ATOM   44  P  P     . C   A 1 3  ? 2.652   4.087   -14.863 1.000 30.000 ? 3   C   AAA P     1 ? 
ATOM   45  O  OP1   . C   A 1 3  ? 1.533   3.361   -15.532 1.000 30.000 ? 3   C   AAA OP1   1 ? 
ATOM   46  O  OP2   . C   A 1 3  ? 2.351   5.095   -13.804 1.000 30.000 ? 3   C   AAA OP2   1 ? 
ATOM   47  O  "O5'" . C   A 1 3  ? 3.715   2.996   -14.388 1.000 30.000 ? 3   C   AAA "O5'" 1 ? 
ATOM   48  C  "C5'" . C   A 1 3  ? 4.042   1.905   -15.251 1.000 30.000 ? 3   C   AAA "C5'" 1 ? 
ATOM   49  C  "C4'" . C   A 1 3  ? 5.387   1.350   -14.899 1.000 30.000 ? 3   C   AAA "C4'" 1 ? 
ATOM   50  O  "O4'" . C   A 1 3  ? 6.365   2.416   -14.899 1.000 30.000 ? 3   C   AAA "O4'" 1 ? 
ATOM   51  C  "C3'" . C   A 1 3  ? 5.519   0.764   -13.511 1.000 30.000 ? 3   C   AAA "C3'" 1 ? 
ATOM   52  O  "O3'" . C   A 1 3  ? 4.866   -0.482  -13.376 1.000 30.000 ? 3   C   AAA "O3'" 1 ? 
ATOM   53  C  "C2'" . C   A 1 3  ? 7.031   0.762   -13.333 1.000 30.000 ? 3   C   AAA "C2'" 1 ? 
ATOM   54  O  "O2'" . C   A 1 3  ? 7.762   -0.315  -13.887 1.000 30.000 ? 3   C   AAA "O2'" 1 ? 
ATOM   55  C  "C1'" . C   A 1 3  ? 7.398   2.105   -13.972 1.000 30.000 ? 3   C   AAA "C1'" 1 ? 
ATOM   56  N  N1    . C   A 1 3  ? 7.492   3.211   -12.998 1.000 30.000 ? 3   C   AAA N1    1 ? 
ATOM   57  C  C2    . C   A 1 3  ? 8.591   3.266   -12.125 1.000 30.000 ? 3   C   AAA C2    1 ? 
ATOM   58  O  O2    . C   A 1 3  ? 9.465   2.387   -12.202 1.000 30.000 ? 3   C   AAA O2    1 ? 
ATOM   59  N  N3    . C   A 1 3  ? 8.671   4.279   -11.227 1.000 30.000 ? 3   C   AAA N3    1 ? 
ATOM   60  C  C4    . C   A 1 3  ? 7.709   5.205   -11.180 1.000 30.000 ? 3   C   AAA C4    1 ? 
ATOM   61  N  N4    . C   A 1 3  ? 7.825   6.185   -10.289 1.000 30.000 ? 3   C   AAA N4    1 ? 
ATOM   62  C  C5    . C   A 1 3  ? 6.572   5.157   -12.039 1.000 30.000 ? 3   C   AAA C5    1 ? 
ATOM   63  C  C6    . C   A 1 3  ? 6.505   4.154   -12.924 1.000 30.000 ? 3   C   AAA C6    1 ? 
ATOM   64  P  P     . A   A 1 4  ? 4.120   -0.834  -11.996 1.000 30.000 ? 4   A   AAA P     1 ? 
ATOM   65  O  OP1   . A   A 1 4  ? 3.166   -1.935  -12.246 1.000 30.000 ? 4   A   AAA OP1   1 ? 
ATOM   66  O  OP2   . A   A 1 4  ? 3.581   0.418   -11.421 1.000 30.000 ? 4   A   AAA OP2   1 ? 
ATOM   67  O  "O5'" . A   A 1 4  ? 5.310   -1.423  -11.115 1.000 30.000 ? 4   A   AAA "O5'" 1 ? 
ATOM   68  C  "C5'" . A   A 1 4  ? 6.163   -2.454  -11.644 1.000 30.000 ? 4   A   AAA "C5'" 1 ? 
ATOM   69  C  "C4'" . A   A 1 4  ? 7.400   -2.543  -10.803 1.000 30.000 ? 4   A   AAA "C4'" 1 ? 
ATOM   70  O  "O4'" . A   A 1 4  ? 8.169   -1.318  -10.969 1.000 30.000 ? 4   A   AAA "O4'" 1 ? 
ATOM   71  C  "C3'" . A   A 1 4  ? 7.146   -2.604  -9.302  1.000 30.000 ? 4   A   AAA "C3'" 1 ? 
ATOM   72  O  "O3'" . A   A 1 4  ? 6.769   -3.877  -8.792  1.000 30.000 ? 4   A   AAA "O3'" 1 ? 
ATOM   73  C  "C2'" . A   A 1 4  ? 8.474   -2.111  -8.744  1.000 30.000 ? 4   A   AAA "C2'" 1 ? 
ATOM   74  O  "O2'" . A   A 1 4  ? 9.492   -3.083  -8.579  1.000 30.000 ? 4   A   AAA "O2'" 1 ? 
ATOM   75  C  "C1'" . A   A 1 4  ? 8.823   -1.002  -9.744  1.000 30.000 ? 4   A   AAA "C1'" 1 ? 
ATOM   76  N  N9    . A   A 1 4  ? 8.381   0.323   -9.285  1.000 30.000 ? 4   A   AAA N9    1 ? 
ATOM   77  C  C8    . A   A 1 4  ? 7.380   1.112   -9.795  1.000 30.000 ? 4   A   AAA C8    1 ? 
ATOM   78  N  N7    . A   A 1 4  ? 7.222   2.244   -9.152  1.000 30.000 ? 4   A   AAA N7    1 ? 
ATOM   79  C  C5    . A   A 1 4  ? 8.164   2.186   -8.135  1.000 30.000 ? 4   A   AAA C5    1 ? 
ATOM   80  C  C6    . A   A 1 4  ? 8.500   3.083   -7.107  1.000 30.000 ? 4   A   AAA C6    1 ? 
ATOM   81  N  N6    . A   A 1 4  ? 7.902   4.260   -6.928  1.000 30.000 ? 4   A   AAA N6    1 ? 
ATOM   82  N  N1    . A   A 1 4  ? 9.486   2.724   -6.259  1.000 30.000 ? 4   A   AAA N1    1 ? 
ATOM   83  C  C2    . A   A 1 4  ? 10.089  1.545   -6.442  1.000 30.000 ? 4   A   AAA C2    1 ? 
ATOM   84  N  N3    . A   A 1 4  ? 9.860   0.617   -7.370  1.000 30.000 ? 4   A   AAA N3    1 ? 
ATOM   85  C  C4    . A   A 1 4  ? 8.878   1.007   -8.199  1.000 30.000 ? 4   A   AAA C4    1 ? 
ATOM   86  P  P     . C   A 1 5  ? 5.523   -4.002  -7.771  1.000 30.000 ? 5   C   AAA P     1 ? 
ATOM   87  O  OP1   . C   A 1 5  ? 5.083   -5.424  -7.747  1.000 30.000 ? 5   C   AAA OP1   1 ? 
ATOM   88  O  OP2   . C   A 1 5  ? 4.536   -2.941  -8.121  1.000 30.000 ? 5   C   AAA OP2   1 ? 
ATOM   89  O  "O5'" . C   A 1 5  ? 6.171   -3.750  -6.339  1.000 30.000 ? 5   C   AAA "O5'" 1 ? 
ATOM   90  C  "C5'" . C   A 1 5  ? 7.074   -4.720  -5.824  1.000 30.000 ? 5   C   AAA "C5'" 1 ? 
ATOM   91  C  "C4'" . C   A 1 5  ? 8.130   -4.040  -5.015  1.000 30.000 ? 5   C   AAA "C4'" 1 ? 
ATOM   92  O  "O4'" . C   A 1 5  ? 8.609   -2.878  -5.737  1.000 30.000 ? 5   C   AAA "O4'" 1 ? 
ATOM   93  C  "C3'" . C   A 1 5  ? 7.660   -3.475  -3.688  1.000 30.000 ? 5   C   AAA "C3'" 1 ? 
ATOM   94  O  "O3'" A C   A 1 5  ? 7.613   -4.448  -2.654  0.500 30.000 ? 5   C   AAA "O3'" 1 ? 
ATOM   95  O  "O3'" B C   A 1 5  ? 7.613   -4.448  -2.654  0.500 30.000 ? 5   C   AAA "O3'" 1 ? 
ATOM   96  C  "C2'" . C   A 1 5  ? 8.740   -2.448  -3.410  1.000 30.000 ? 5   C   AAA "C2'" 1 ? 
ATOM   97  O  "O2'" . C   A 1 5  ? 9.895   -3.042  -2.850  1.000 30.000 ? 5   C   AAA "O2'" 1 ? 
ATOM   98  C  "C1'" . C   A 1 5  ? 8.922   -1.843  -4.807  1.000 30.000 ? 5   C   AAA "C1'" 1 ? 
ATOM   99  N  N1    . C   A 1 5  ? 8.014   -0.692  -5.034  1.000 30.000 ? 5   C   AAA N1    1 ? 
ATOM   100 C  C2    . C   A 1 5  ? 8.250   0.505   -4.346  1.000 30.000 ? 5   C   AAA C2    1 ? 
ATOM   101 O  O2    . C   A 1 5  ? 9.242   0.587   -3.609  1.000 30.000 ? 5   C   AAA O2    1 ? 
ATOM   102 N  N3    . C   A 1 5  ? 7.407   1.550   -4.522  1.000 30.000 ? 5   C   AAA N3    1 ? 
ATOM   103 C  C4    . C   A 1 5  ? 6.360   1.429   -5.341  1.000 30.000 ? 5   C   AAA C4    1 ? 
ATOM   104 N  N4    . C   A 1 5  ? 5.560   2.485   -5.495  1.000 30.000 ? 5   C   AAA N4    1 ? 
ATOM   105 C  C5    . C   A 1 5  ? 6.091   0.221   -6.045  1.000 30.000 ? 5   C   AAA C5    1 ? 
ATOM   106 C  C6    . C   A 1 5  ? 6.922   -0.813  -5.847  1.000 30.000 ? 5   C   AAA C6    1 ? 
ATOM   107 P  P     . U   A 1 6  ? 6.368   -4.502  -1.657  1.000 30.000 ? 6   U   AAA P     1 ? 
ATOM   108 O  OP1   . U   A 1 6  ? 6.399   -5.820  -0.963  1.000 30.000 ? 6   U   AAA OP1   1 ? 
ATOM   109 O  OP2   . U   A 1 6  ? 5.155   -4.132  -2.430  1.000 30.000 ? 6   U   AAA OP2   1 ? 
ATOM   110 O  "O5'" . U   A 1 6  ? 6.712   -3.379  -0.574  1.000 30.000 ? 6   U   AAA "O5'" 1 ? 
ATOM   111 C  "C5'" . U   A 1 6  ? 7.947   -3.386  0.187   1.000 30.000 ? 6   U   AAA "C5'" 1 ? 
ATOM   112 C  "C4'" . U   A 1 6  ? 8.089   -2.126  1.030   1.000 30.000 ? 6   U   AAA "C4'" 1 ? 
ATOM   113 O  "O4'" . U   A 1 6  ? 8.417   -0.967  0.190   1.000 30.000 ? 6   U   AAA "O4'" 1 ? 
ATOM   114 C  "C3'" . U   A 1 6  ? 6.848   -1.699  1.806   1.000 30.000 ? 6   U   AAA "C3'" 1 ? 
ATOM   115 O  "O3'" . U   A 1 6  ? 6.697   -2.394  3.034   1.000 30.000 ? 6   U   AAA "O3'" 1 ? 
ATOM   116 C  "C2'" . U   A 1 6  ? 7.056   -0.195  1.980   1.000 30.000 ? 6   U   AAA "C2'" 1 ? 
ATOM   117 O  "O2'" . U   A 1 6  ? 7.868   0.193   3.070   1.000 30.000 ? 6   U   AAA "O2'" 1 ? 
ATOM   118 C  "C1'" . U   A 1 6  ? 7.664   0.174   0.628   1.000 30.000 ? 6   U   AAA "C1'" 1 ? 
ATOM   119 N  N1    . U   A 1 6  ? 6.635   0.488   -0.383  1.000 30.000 ? 6   U   AAA N1    1 ? 
ATOM   120 C  C2    . U   A 1 6  ? 5.989   1.718   -0.314  1.000 30.000 ? 6   U   AAA C2    1 ? 
ATOM   121 O  O2    . U   A 1 6  ? 6.232   2.553   0.546   1.000 30.000 ? 6   U   AAA O2    1 ? 
ATOM   122 N  N3    . U   A 1 6  ? 5.035   1.922   -1.281  1.000 30.000 ? 6   U   AAA N3    1 ? 
ATOM   123 C  C4    . U   A 1 6  ? 4.660   1.045   -2.283  1.000 30.000 ? 6   U   AAA C4    1 ? 
ATOM   124 O  O4    . U   A 1 6  ? 3.784   1.375   -3.088  1.000 30.000 ? 6   U   AAA O4    1 ? 
ATOM   125 C  C5    . U   A 1 6  ? 5.364   -0.202  -2.280  1.000 30.000 ? 6   U   AAA C5    1 ? 
ATOM   126 C  C6    . U   A 1 6  ? 6.295   -0.436  -1.350  1.000 30.000 ? 6   U   AAA C6    1 ? 
ATOM   127 P  P     . G   A 1 7  ? 5.253   -2.463  3.753   1.000 30.000 ? 7   G   AAA P     1 ? 
ATOM   128 O  OP1   . G   A 1 7  ? 5.462   -3.046  5.111   1.000 30.000 ? 7   G   AAA OP1   1 ? 
ATOM   129 O  OP2   . G   A 1 7  ? 4.271   -3.072  2.799   1.000 30.000 ? 7   G   AAA OP2   1 ? 
ATOM   130 O  "O5'" . G   A 1 7  ? 4.881   -0.930  4.003   1.000 30.000 ? 7   G   AAA "O5'" 1 ? 
ATOM   131 C  "C5'" . G   A 1 7  ? 5.426   -0.203  5.144   1.000 30.000 ? 7   G   AAA "C5'" 1 ? 
ATOM   132 C  "C4'" . G   A 1 7  ? 4.988   1.253   5.151   1.000 30.000 ? 7   G   AAA "C4'" 1 ? 
ATOM   133 O  "O4'" . G   A 1 7  ? 5.076   1.809   3.813   1.000 30.000 ? 7   G   AAA "O4'" 1 ? 
ATOM   134 C  "C3'" . G   A 1 7  ? 3.549   1.510   5.558   1.000 30.000 ? 7   G   AAA "C3'" 1 ? 
ATOM   135 O  "O3'" . G   A 1 7  ? 3.378   1.518   6.971   1.000 30.000 ? 7   G   AAA "O3'" 1 ? 
ATOM   136 C  "C2'" . G   A 1 7  ? 3.280   2.870   4.937   1.000 30.000 ? 7   G   AAA "C2'" 1 ? 
ATOM   137 O  "O2'" . G   A 1 7  ? 3.860   3.905   5.679   1.000 30.000 ? 7   G   AAA "O2'" 1 ? 
ATOM   138 C  "C1'" . G   A 1 7  ? 4.068   2.781   3.638   1.000 30.000 ? 7   G   AAA "C1'" 1 ? 
ATOM   139 N  N9    . G   A 1 7  ? 3.330   2.471   2.418   1.000 30.000 ? 7   G   AAA N9    1 ? 
ATOM   140 C  C8    . G   A 1 7  ? 3.315   1.284   1.721   1.000 30.000 ? 7   G   AAA C8    1 ? 
ATOM   141 N  N7    . G   A 1 7  ? 2.638   1.353   0.607   1.000 30.000 ? 7   G   AAA N7    1 ? 
ATOM   142 C  C5    . G   A 1 7  ? 2.215   2.675   0.545   1.000 30.000 ? 7   G   AAA C5    1 ? 
ATOM   143 C  C6    . G   A 1 7  ? 1.449   3.353   -0.440  1.000 30.000 ? 7   G   AAA C6    1 ? 
ATOM   144 O  O6    . G   A 1 7  ? 0.969   2.906   -1.489  1.000 30.000 ? 7   G   AAA O6    1 ? 
ATOM   145 N  N1    . G   A 1 7  ? 1.244   4.685   -0.101  1.000 30.000 ? 7   G   AAA N1    1 ? 
ATOM   146 C  C2    . G   A 1 7  ? 1.724   5.292   1.030   1.000 30.000 ? 7   G   AAA C2    1 ? 
ATOM   147 N  N2    . G   A 1 7  ? 1.421   6.588   1.176   1.000 30.000 ? 7   G   AAA N2    1 ? 
ATOM   148 N  N3    . G   A 1 7  ? 2.431   4.675   1.957   1.000 30.000 ? 7   G   AAA N3    1 ? 
ATOM   149 C  C4    . G   A 1 7  ? 2.637   3.378   1.653   1.000 30.000 ? 7   G   AAA C4    1 ? 
ATOM   150 P  P     . G   A 1 8  ? 1.905   1.222   7.593   1.000 30.000 ? 8   G   AAA P     1 ? 
ATOM   151 O  OP1   . G   A 1 8  ? 2.011   1.089   9.081   1.000 30.000 ? 8   G   AAA OP1   1 ? 
ATOM   152 O  OP2   . G   A 1 8  ? 1.286   0.125   6.796   1.000 30.000 ? 8   G   AAA OP2   1 ? 
ATOM   153 O  "O5'" . G   A 1 8  ? 1.108   2.570   7.274   1.000 30.000 ? 8   G   AAA "O5'" 1 ? 
ATOM   154 C  "C5'" . G   A 1 8  ? 1.383   3.816   7.958   1.000 30.000 ? 8   G   AAA "C5'" 1 ? 
ATOM   155 C  "C4'" . G   A 1 8  ? 0.302   4.832   7.652   1.000 30.000 ? 8   G   AAA "C4'" 1 ? 
ATOM   156 O  "O4'" . G   A 1 8  ? 0.519   5.438   6.347   1.000 30.000 ? 8   G   AAA "O4'" 1 ? 
ATOM   157 C  "C3'" . G   A 1 8  ? -1.103  4.268   7.596   1.000 30.000 ? 8   G   AAA "C3'" 1 ? 
ATOM   158 O  "O3'" . G   A 1 8  ? -1.619  4.267   8.922   1.000 30.000 ? 8   G   AAA "O3'" 1 ? 
ATOM   159 C  "C2'" . G   A 1 8  ? -1.789  5.250   6.666   1.000 30.000 ? 8   G   AAA "C2'" 1 ? 
ATOM   160 O  "O2'" . G   A 1 8  ? -2.107  6.409   7.412   1.000 30.000 ? 8   G   AAA "O2'" 1 ? 
ATOM   161 C  "C1'" . G   A 1 8  ? -0.695  5.488   5.627   1.000 30.000 ? 8   G   AAA "C1'" 1 ? 
ATOM   162 N  N9    . G   A 1 8  ? -0.664  4.458   4.594   1.000 30.000 ? 8   G   AAA N9    1 ? 
ATOM   163 C  C8    . G   A 1 8  ? -0.229  3.165   4.751   1.000 30.000 ? 8   G   AAA C8    1 ? 
ATOM   164 N  N7    . G   A 1 8  ? -0.339  2.451   3.665   1.000 30.000 ? 8   G   AAA N7    1 ? 
ATOM   165 C  C5    . G   A 1 8  ? -0.900  3.317   2.741   1.000 30.000 ? 8   G   AAA C5    1 ? 
ATOM   166 C  C6    . G   A 1 8  ? -1.271  3.099   1.395   1.000 30.000 ? 8   G   AAA C6    1 ? 
ATOM   167 O  O6    . G   A 1 8  ? -1.162  2.062   0.723   1.000 30.000 ? 8   G   AAA O6    1 ? 
ATOM   168 N  N1    . G   A 1 8  ? -1.806  4.247   0.818   1.000 30.000 ? 8   G   AAA N1    1 ? 
ATOM   169 C  C2    . G   A 1 8  ? -1.968  5.446   1.460   1.000 30.000 ? 8   G   AAA C2    1 ? 
ATOM   170 N  N2    . G   A 1 8  ? -2.507  6.433   0.730   1.000 30.000 ? 8   G   AAA N2    1 ? 
ATOM   171 N  N3    . G   A 1 8  ? -1.625  5.664   2.720   1.000 30.000 ? 8   G   AAA N3    1 ? 
ATOM   172 C  C4    . G   A 1 8  ? -1.102  4.562   3.296   1.000 30.000 ? 8   G   AAA C4    1 ? 
ATOM   173 P  P     . A   A 1 9  ? -2.603  3.083   9.403   1.000 30.000 ? 9   A   AAA P     1 ? 
ATOM   174 O  OP1   . A   A 1 9  ? -2.072  2.562   10.694  1.000 30.000 ? 9   A   AAA OP1   1 ? 
ATOM   175 O  OP2   . A   A 1 9  ? -2.781  2.166   8.240   1.000 30.000 ? 9   A   AAA OP2   1 ? 
ATOM   176 O  "O5'" . A   A 1 9  ? -3.943  3.869   9.780   1.000 30.000 ? 9   A   AAA "O5'" 1 ? 
ATOM   177 C  "C5'" . A   A 1 9  ? -3.840  5.217   10.273  1.000 30.000 ? 9   A   AAA "C5'" 1 ? 
ATOM   178 C  "C4'" . A   A 1 9  ? -5.167  5.795   10.716  1.000 30.000 ? 9   A   AAA "C4'" 1 ? 
ATOM   179 O  "O4'" . A   A 1 9  ? -5.513  6.914   9.853   1.000 30.000 ? 9   A   AAA "O4'" 1 ? 
ATOM   180 C  "C3'" . A   A 1 9  ? -6.423  4.921   10.692  1.000 30.000 ? 9   A   AAA "C3'" 1 ? 
ATOM   181 O  "O3'" . A   A 1 9  ? -6.413  3.948   11.761  1.000 30.000 ? 9   A   AAA "O3'" 1 ? 
ATOM   182 C  "C2'" . A   A 1 9  ? -7.500  6.001   10.764  1.000 30.000 ? 9   A   AAA "C2'" 1 ? 
ATOM   183 O  "O2'" . A   A 1 9  ? -7.576  6.443   12.099  1.000 30.000 ? 9   A   AAA "O2'" 1 ? 
ATOM   184 C  "C1'" . A   A 1 9  ? -6.921  7.079   9.835   1.000 30.000 ? 9   A   AAA "C1'" 1 ? 
ATOM   185 N  N9    . A   A 1 9  ? -7.383  6.930   8.454   1.000 30.000 ? 9   A   AAA N9    1 ? 
ATOM   186 C  C8    . A   A 1 9  ? -8.463  7.518   7.839   1.000 30.000 ? 9   A   AAA C8    1 ? 
ATOM   187 N  N7    . A   A 1 9  ? -8.641  7.130   6.596   1.000 30.000 ? 9   A   AAA N7    1 ? 
ATOM   188 C  C5    . A   A 1 9  ? -7.617  6.217   6.385   1.000 30.000 ? 9   A   AAA C5    1 ? 
ATOM   189 C  C6    . A   A 1 9  ? -7.260  5.439   5.271   1.000 30.000 ? 9   A   AAA C6    1 ? 
ATOM   190 N  N6    . A   A 1 9  ? -7.917  5.461   4.113   1.000 30.000 ? 9   A   AAA N6    1 ? 
ATOM   191 N  N1    . A   A 1 9  ? -6.184  4.633   5.388   1.000 30.000 ? 9   A   AAA N1    1 ? 
ATOM   192 C  C2    . A   A 1 9  ? -5.528  4.603   6.558   1.000 30.000 ? 9   A   AAA C2    1 ? 
ATOM   193 N  N3    . A   A 1 9  ? -5.763  5.290   7.674   1.000 30.000 ? 9   A   AAA N3    1 ? 
ATOM   194 C  C4    . A   A 1 9  ? -6.838  6.081   7.522   1.000 30.000 ? 9   A   AAA C4    1 ? 
ATOM   195 P  P     . A   A 1 10 ? -7.745  3.046   12.181  1.000 30.000 ? 10  A   AAA P     1 ? 
ATOM   196 O  OP1   . A   A 1 10 ? -8.097  3.436   13.586  1.000 30.000 ? 10  A   AAA OP1   1 ? 
ATOM   197 O  OP2   . A   A 1 10 ? -7.485  1.600   11.849  1.000 30.000 ? 10  A   AAA OP2   1 ? 
ATOM   198 O  "O5'" . A   A 1 10 ? -8.931  3.670   11.316  1.000 30.000 ? 10  A   AAA "O5'" 1 ? 
ATOM   199 C  "C5'" . A   A 1 10 ? -10.163 2.982   11.058  1.000 30.000 ? 10  A   AAA "C5'" 1 ? 
ATOM   200 C  "C4'" . A   A 1 10 ? -10.751 3.547   9.790   1.000 30.000 ? 10  A   AAA "C4'" 1 ? 
ATOM   201 O  "O4'" . A   A 1 10 ? -9.704  4.211   9.006   1.000 30.000 ? 10  A   AAA "O4'" 1 ? 
ATOM   202 C  "C3'" . A   A 1 10 ? -11.315 2.522   8.817   1.000 30.000 ? 10  A   AAA "C3'" 1 ? 
ATOM   203 O  "O3'" . A   A 1 10 ? -12.656 2.256   9.038   1.000 30.000 ? 10  A   AAA "O3'" 1 ? 
ATOM   204 C  "C2'" . A   A 1 10 ? -11.217 3.268   7.510   1.000 30.000 ? 10  A   AAA "C2'" 1 ? 
ATOM   205 O  "O2'" . A   A 1 10 ? -12.215 4.265   7.505   1.000 30.000 ? 10  A   AAA "O2'" 1 ? 
ATOM   206 C  "C1'" . A   A 1 10 ? -9.805  3.820   7.643   1.000 30.000 ? 10  A   AAA "C1'" 1 ? 
ATOM   207 N  N9    . A   A 1 10 ? -8.783  2.808   7.362   1.000 30.000 ? 10  A   AAA N9    1 ? 
ATOM   208 C  C8    . A   A 1 10 ? -7.778  2.352   8.181   1.000 30.000 ? 10  A   AAA C8    1 ? 
ATOM   209 N  N7    . A   A 1 10 ? -7.027  1.425   7.632   1.000 30.000 ? 10  A   AAA N7    1 ? 
ATOM   210 C  C5    . A   A 1 10 ? -7.586  1.245   6.375   1.000 30.000 ? 10  A   AAA C5    1 ? 
ATOM   211 C  C6    . A   A 1 10 ? -7.237  0.413   5.292   1.000 30.000 ? 10  A   AAA C6    1 ? 
ATOM   212 N  N6    . A   A 1 10 ? -6.211  -0.440  5.314   1.000 30.000 ? 10  A   AAA N6    1 ? 
ATOM   213 N  N1    . A   A 1 10 ? -7.979  0.500   4.166   1.000 30.000 ? 10  A   AAA N1    1 ? 
ATOM   214 C  C2    . A   A 1 10 ? -9.014  1.354   4.145   1.000 30.000 ? 10  A   AAA C2    1 ? 
ATOM   215 N  N3    . A   A 1 10 ? -9.444  2.184   5.099   1.000 30.000 ? 10  A   AAA N3    1 ? 
ATOM   216 C  C4    . A   A 1 10 ? -8.673  2.084   6.198   1.000 30.000 ? 10  A   AAA C4    1 ? 
ATOM   217 P  P     . G   A 1 11 ? -13.065 1.142   10.057  1.000 30.000 ? 11  G   AAA P     1 ? 
ATOM   218 O  OP1   . G   A 1 11 ? -13.428 1.817   11.329  1.000 30.000 ? 11  G   AAA OP1   1 ? 
ATOM   219 O  OP2   . G   A 1 11 ? -12.026 0.082   10.106  1.000 30.000 ? 11  G   AAA OP2   1 ? 
ATOM   220 O  "O5'" . G   A 1 11 ? -14.244 0.475   9.235   1.000 30.000 ? 11  G   AAA "O5'" 1 ? 
ATOM   221 C  "C5'" . G   A 1 11 ? -13.858 -0.502  8.291   1.000 30.000 ? 11  G   AAA "C5'" 1 ? 
ATOM   222 C  "C4'" . G   A 1 11 ? -14.182 -0.102  6.884   1.000 30.000 ? 11  G   AAA "C4'" 1 ? 
ATOM   223 O  "O4'" . G   A 1 11 ? -13.074 0.641   6.308   1.000 30.000 ? 11  G   AAA "O4'" 1 ? 
ATOM   224 C  "C3'" . G   A 1 11 ? -14.332 -1.351  6.031   1.000 30.000 ? 11  G   AAA "C3'" 1 ? 
ATOM   225 O  "O3'" . G   A 1 11 ? -15.680 -1.727  6.050   1.000 30.000 ? 11  G   AAA "O3'" 1 ? 
ATOM   226 C  "C2'" . G   A 1 11 ? -13.704 -0.970  4.706   1.000 30.000 ? 11  G   AAA "C2'" 1 ? 
ATOM   227 O  "O2'" . G   A 1 11 ? -14.678 -0.360  3.906   1.000 30.000 ? 11  G   AAA "O2'" 1 ? 
ATOM   228 C  "C1'" . G   A 1 11 ? -12.567 -0.061  5.172   1.000 30.000 ? 11  G   AAA "C1'" 1 ? 
ATOM   229 N  N9    . G   A 1 11 ? -11.337 -0.773  5.544   1.000 30.000 ? 11  G   AAA N9    1 ? 
ATOM   230 C  C8    . G   A 1 11 ? -10.607 -0.600  6.694   1.000 30.000 ? 11  G   AAA C8    1 ? 
ATOM   231 N  N7    . G   A 1 11 ? -9.542  -1.354  6.742   1.000 30.000 ? 11  G   AAA N7    1 ? 
ATOM   232 C  C5    . G   A 1 11 ? -9.564  -2.059  5.549   1.000 30.000 ? 11  G   AAA C5    1 ? 
ATOM   233 C  C6    . G   A 1 11 ? -8.656  -3.019  5.033   1.000 30.000 ? 11  G   AAA C6    1 ? 
ATOM   234 O  O6    . G   A 1 11 ? -7.623  -3.456  5.545   1.000 30.000 ? 11  G   AAA O6    1 ? 
ATOM   235 N  N1    . G   A 1 11 ? -9.054  -3.479  3.785   1.000 30.000 ? 11  G   AAA N1    1 ? 
ATOM   236 C  C2    . G   A 1 11 ? -10.177 -3.068  3.117   1.000 30.000 ? 11  G   AAA C2    1 ? 
ATOM   237 N  N2    . G   A 1 11 ? -10.391 -3.635  1.922   1.000 30.000 ? 11  G   AAA N2    1 ? 
ATOM   238 N  N3    . G   A 1 11 ? -11.023 -2.163  3.580   1.000 30.000 ? 11  G   AAA N3    1 ? 
ATOM   239 C  C4    . G   A 1 11 ? -10.663 -1.710  4.796   1.000 30.000 ? 11  G   AAA C4    1 ? 
ATOM   240 P  P     . U   A 1 12 ? -16.110 -2.894  6.990   1.000 30.000 ? 12  U   AAA P     1 ? 
ATOM   241 O  OP1   . U   A 1 12 ? -17.584 -2.908  7.033   1.000 30.000 ? 12  U   AAA OP1   1 ? 
ATOM   242 O  OP2   . U   A 1 12 ? -15.365 -2.806  8.261   1.000 30.000 ? 12  U   AAA OP2   1 ? 
ATOM   243 O  "O5'" . U   A 1 12 ? -15.684 -4.149  6.124   1.000 30.000 ? 12  U   AAA "O5'" 1 ? 
ATOM   244 C  "C5'" . U   A 1 12 ? -16.557 -4.499  5.055   1.000 30.000 ? 12  U   AAA "C5'" 1 ? 
ATOM   245 C  "C4'" . U   A 1 12 ? -15.816 -5.252  3.994   1.000 30.000 ? 12  U   AAA "C4'" 1 ? 
ATOM   246 O  "O4'" . U   A 1 12 ? -14.581 -4.568  3.665   1.000 30.000 ? 12  U   AAA "O4'" 1 ? 
ATOM   247 C  "C3'" . U   A 1 12 ? -15.337 -6.632  4.379   1.000 30.000 ? 12  U   AAA "C3'" 1 ? 
ATOM   248 O  "O3'" . U   A 1 12 ? -16.394 -7.569  4.420   1.000 30.000 ? 12  U   AAA "O3'" 1 ? 
ATOM   249 C  "C2'" . U   A 1 12 ? -14.311 -6.871  3.294   1.000 30.000 ? 12  U   AAA "C2'" 1 ? 
ATOM   250 O  "O2'" . U   A 1 12 ? -14.948 -7.138  2.077   1.000 30.000 ? 12  U   AAA "O2'" 1 ? 
ATOM   251 C  "C1'" . U   A 1 12 ? -13.597 -5.523  3.297   1.000 30.000 ? 12  U   AAA "C1'" 1 ? 
ATOM   252 N  N1    . U   A 1 12 ? -12.538 -5.487  4.307   1.000 30.000 ? 12  U   AAA N1    1 ? 
ATOM   253 C  C2    . U   A 1 12 ? -11.470 -6.337  4.134   1.000 30.000 ? 12  U   AAA C2    1 ? 
ATOM   254 O  O2    . U   A 1 12 ? -11.366 -7.077  3.171   1.000 30.000 ? 12  U   AAA O2    1 ? 
ATOM   255 N  N3    . U   A 1 12 ? -10.524 -6.284  5.126   1.000 30.000 ? 12  U   AAA N3    1 ? 
ATOM   256 C  C4    . U   A 1 12 ? -10.544 -5.494  6.254   1.000 30.000 ? 12  U   AAA C4    1 ? 
ATOM   257 O  O4    . U   A 1 12 ? -9.618  -5.564  7.056   1.000 30.000 ? 12  U   AAA O4    1 ? 
ATOM   258 C  C5    . U   A 1 12 ? -11.677 -4.636  6.356   1.000 30.000 ? 12  U   AAA C5    1 ? 
ATOM   259 C  C6    . U   A 1 12 ? -12.621 -4.670  5.411   1.000 30.000 ? 12  U   AAA C6    1 ? 
ATOM   260 P  P     . G   A 1 13 ? -16.746 -8.321  5.784   1.000 30.000 ? 13  G   AAA P     1 ? 
ATOM   261 O  OP1   . G   A 1 13 ? -18.214 -8.483  5.823   1.000 30.000 ? 13  G   AAA OP1   1 ? 
ATOM   262 O  OP2   . G   A 1 13 ? -16.054 -7.639  6.914   1.000 30.000 ? 13  G   AAA OP2   1 ? 
ATOM   263 O  "O5'" . G   A 1 13 ? -16.149 -9.774  5.531   1.000 30.000 ? 13  G   AAA "O5'" 1 ? 
ATOM   264 C  "C5'" . G   A 1 13 ? -16.464 -10.467 4.302   1.000 30.000 ? 13  G   AAA "C5'" 1 ? 
ATOM   265 C  "C4'" . G   A 1 13 ? -15.272 -11.249 3.810   1.000 30.000 ? 13  G   AAA "C4'" 1 ? 
ATOM   266 O  "O4'" . G   A 1 13 ? -14.164 -10.355 3.527   1.000 30.000 ? 13  G   AAA "O4'" 1 ? 
ATOM   267 C  "C3'" . G   A 1 13 ? -14.687 -12.221 4.820   1.000 30.000 ? 13  G   AAA "C3'" 1 ? 
ATOM   268 O  "O3'" . G   A 1 13 ? -15.511 -13.370 4.963   1.000 30.000 ? 13  G   AAA "O3'" 1 ? 
ATOM   269 C  "C2'" . G   A 1 13 ? -13.277 -12.408 4.282   1.000 30.000 ? 13  G   AAA "C2'" 1 ? 
ATOM   270 O  "O2'" . G   A 1 13 ? -13.175 -13.203 3.135   1.000 30.000 ? 13  G   AAA "O2'" 1 ? 
ATOM   271 C  "C1'" . G   A 1 13 ? -12.938 -10.981 3.879   1.000 30.000 ? 13  G   AAA "C1'" 1 ? 
ATOM   272 N  N9    . G   A 1 13 ? -12.312 -10.232 4.963   1.000 30.000 ? 13  G   AAA N9    1 ? 
ATOM   273 C  C8    . G   A 1 13 ? -12.872 -9.270  5.767   1.000 30.000 ? 13  G   AAA C8    1 ? 
ATOM   274 N  N7    . G   A 1 13 ? -12.030 -8.773  6.633   1.000 30.000 ? 13  G   AAA N7    1 ? 
ATOM   275 C  C5    . G   A 1 13 ? -10.847 -9.457  6.391   1.000 30.000 ? 13  G   AAA C5    1 ? 
ATOM   276 C  C6    . G   A 1 13 ? -9.581  -9.359  7.026   1.000 30.000 ? 13  G   AAA C6    1 ? 
ATOM   277 O  O6    . G   A 1 13 ? -9.241  -8.624  7.964   1.000 30.000 ? 13  G   AAA O6    1 ? 
ATOM   278 N  N1    . G   A 1 13 ? -8.664  -10.245 6.473   1.000 30.000 ? 13  G   AAA N1    1 ? 
ATOM   279 C  C2    . G   A 1 13 ? -8.927  -11.108 5.434   1.000 30.000 ? 13  G   AAA C2    1 ? 
ATOM   280 N  N2    . G   A 1 13 ? -7.910  -11.879 5.022   1.000 30.000 ? 13  G   AAA N2    1 ? 
ATOM   281 N  N3    . G   A 1 13 ? -10.102 -11.209 4.838   1.000 30.000 ? 13  G   AAA N3    1 ? 
ATOM   282 C  C4    . G   A 1 13 ? -11.009 -10.365 5.367   1.000 30.000 ? 13  G   AAA C4    1 ? 
ATOM   283 P  P     . C   A 1 14 ? -15.744 -13.981 6.425   1.000 30.000 ? 14  C   AAA P     1 ? 
ATOM   284 O  OP1   . C   A 1 14 ? -16.858 -14.962 6.333   1.000 30.000 ? 14  C   AAA OP1   1 ? 
ATOM   285 O  OP2   . C   A 1 14 ? -15.768 -12.882 7.452   1.000 30.000 ? 14  C   AAA OP2   1 ? 
ATOM   286 O  "O5'" . C   A 1 14 ? -14.391 -14.782 6.655   1.000 30.000 ? 14  C   AAA "O5'" 1 ? 
ATOM   287 C  "C5'" . C   A 1 14 ? -13.891 -15.620 5.606   1.000 30.000 ? 14  C   AAA "C5'" 1 ? 
ATOM   288 C  "C4'" . C   A 1 14 ? -12.508 -16.099 5.948   1.000 30.000 ? 14  C   AAA "C4'" 1 ? 
ATOM   289 O  "O4'" . C   A 1 14 ? -11.560 -15.017 5.753   1.000 30.000 ? 14  C   AAA "O4'" 1 ? 
ATOM   290 C  "C3'" . C   A 1 14 ? -12.294 -16.517 7.392   1.000 30.000 ? 14  C   AAA "C3'" 1 ? 
ATOM   291 O  "O3'" . C   A 1 14 ? -12.873 -17.800 7.639   1.000 30.000 ? 14  C   AAA "O3'" 1 ? 
ATOM   292 C  "C2'" . C   A 1 14 ? -10.780 -16.396 7.502   1.000 30.000 ? 14  C   AAA "C2'" 1 ? 
ATOM   293 O  "O2'" . C   A 1 14 ? -10.099 -17.501 6.934   1.000 30.000 ? 14  C   AAA "O2'" 1 ? 
ATOM   294 C  "C1'" . C   A 1 14 ? -10.549 -15.083 6.744   1.000 30.000 ? 14  C   AAA "C1'" 1 ? 
ATOM   295 N  N1    . C   A 1 14 ? -10.633 -13.861 7.579   1.000 30.000 ? 14  C   AAA N1    1 ? 
ATOM   296 C  C2    . C   A 1 14 ? -9.498  -13.458 8.294   1.000 30.000 ? 14  C   AAA C2    1 ? 
ATOM   297 O  O2    . C   A 1 14 ? -8.458  -14.134 8.203   1.000 30.000 ? 14  C   AAA O2    1 ? 
ATOM   298 N  N3    . C   A 1 14 ? -9.555  -12.335 9.049   1.000 30.000 ? 14  C   AAA N3    1 ? 
ATOM   299 C  C4    . C   A 1 14 ? -10.689 -11.641 9.122   1.000 30.000 ? 14  C   AAA C4    1 ? 
ATOM   300 N  N4    . C   A 1 14 ? -10.701 -10.552 9.885   1.000 30.000 ? 14  C   AAA N4    1 ? 
ATOM   301 C  C5    . C   A 1 14 ? -11.857 -12.026 8.405   1.000 30.000 ? 14  C   AAA C5    1 ? 
ATOM   302 C  C6    . C   A 1 14 ? -11.787 -13.133 7.654   1.000 30.000 ? 14  C   AAA C6    1 ? 
ATOM   303 P  P     . C   A 1 15 ? -12.789 -18.456 9.097   1.000 30.000 ? 15  C   AAA P     1 ? 
ATOM   304 O  OP1   . C   A 1 15 ? -13.390 -19.825 8.994   1.000 30.000 ? 15  C   AAA OP1   1 ? 
ATOM   305 O  OP2   . C   A 1 15 ? -13.302 -17.461 10.107  1.000 30.000 ? 15  C   AAA OP2   1 ? 
ATOM   306 O  "O5'" . C   A 1 15 ? -11.212 -18.525 9.308   1.000 30.000 ? 15  C   AAA "O5'" 1 ? 
ATOM   307 C  "C5'" . C   A 1 15 ? -10.640 -19.363 10.313  1.000 30.000 ? 15  C   AAA "C5'" 1 ? 
ATOM   308 C  "C4'" . C   A 1 15 ? -9.487  -18.672 10.999  1.000 30.000 ? 15  C   AAA "C4'" 1 ? 
ATOM   309 O  "O4'" . C   A 1 15 ? -9.371  -17.294 10.573  1.000 30.000 ? 15  C   AAA "O4'" 1 ? 
ATOM   310 C  "C3'" . C   A 1 15 ? -9.620  -18.513 12.498  1.000 30.000 ? 15  C   AAA "C3'" 1 ? 
ATOM   311 O  "O3'" . C   A 1 15 ? -9.507  -19.762 13.177  1.000 30.000 ? 15  C   AAA "O3'" 1 ? 
ATOM   312 C  "C2'" . C   A 1 15 ? -8.534  -17.480 12.790  1.000 30.000 ? 15  C   AAA "C2'" 1 ? 
ATOM   313 O  "O2'" . C   A 1 15 ? -7.259  -18.055 12.988  1.000 30.000 ? 15  C   AAA "O2'" 1 ? 
ATOM   314 C  "C1'" . C   A 1 15 ? -8.597  -16.593 11.534  1.000 30.000 ? 15  C   AAA "C1'" 1 ? 
ATOM   315 N  N1    . C   A 1 15 ? -9.218  -15.286 11.785  1.000 30.000 ? 15  C   AAA N1    1 ? 
ATOM   316 C  C2    . C   A 1 15 ? -8.538  -14.363 12.586  1.000 30.000 ? 15  C   AAA C2    1 ? 
ATOM   317 O  O2    . C   A 1 15 ? -7.430  -14.668 13.042  1.000 30.000 ? 15  C   AAA O2    1 ? 
ATOM   318 N  N3    . C   A 1 15 ? -9.108  -13.168 12.851  1.000 30.000 ? 15  C   AAA N3    1 ? 
ATOM   319 C  C4    . C   A 1 15 ? -10.315 -12.883 12.360  1.000 30.000 ? 15  C   AAA C4    1 ? 
ATOM   320 N  N4    . C   A 1 15 ? -10.836 -11.688 12.639  1.000 30.000 ? 15  C   AAA N4    1 ? 
ATOM   321 C  C5    . C   A 1 15 ? -11.035 -13.806 11.542  1.000 30.000 ? 15  C   AAA C5    1 ? 
ATOM   322 C  C6    . C   A 1 15 ? -10.455 -14.985 11.284  1.000 30.000 ? 15  C   AAA C6    1 ? 
ATOM   323 O  "O5'" . G   B 1 1  ? -3.714  -4.903  18.524  1.000 30.000 ? 1   G   BBB "O5'" 1 ? 
ATOM   324 C  "C5'" . G   B 1 1  ? -3.656  -5.668  17.301  1.000 30.000 ? 1   G   BBB "C5'" 1 ? 
ATOM   325 C  "C4'" . G   B 1 1  ? -3.198  -7.092  17.556  1.000 30.000 ? 1   G   BBB "C4'" 1 ? 
ATOM   326 O  "O4'" . G   B 1 1  ? -4.298  -7.835  18.155  1.000 30.000 ? 1   G   BBB "O4'" 1 ? 
ATOM   327 C  "C3'" . G   B 1 1  ? -2.813  -7.879  16.301  1.000 30.000 ? 1   G   BBB "C3'" 1 ? 
ATOM   328 O  "O3'" . G   B 1 1  ? -1.440  -7.846  15.943  1.000 30.000 ? 1   G   BBB "O3'" 1 ? 
ATOM   329 C  "C2'" . G   B 1 1  ? -3.171  -9.304  16.670  1.000 30.000 ? 1   G   BBB "C2'" 1 ? 
ATOM   330 O  "O2'" . G   B 1 1  ? -2.067  -9.868  17.345  1.000 30.000 ? 1   G   BBB "O2'" 1 ? 
ATOM   331 C  "C1'" . G   B 1 1  ? -4.433  -9.095  17.514  1.000 30.000 ? 1   G   BBB "C1'" 1 ? 
ATOM   332 N  N9    . G   B 1 1  ? -5.676  -9.091  16.749  1.000 30.000 ? 1   G   BBB N9    1 ? 
ATOM   333 C  C8    . G   B 1 1  ? -6.612  -8.087  16.692  1.000 30.000 ? 1   G   BBB C8    1 ? 
ATOM   334 N  N7    . G   B 1 1  ? -7.623  -8.373  15.920  1.000 30.000 ? 1   G   BBB N7    1 ? 
ATOM   335 C  C5    . G   B 1 1  ? -7.336  -9.639  15.433  1.000 30.000 ? 1   G   BBB C5    1 ? 
ATOM   336 C  C6    . G   B 1 1  ? -8.067  -10.470 14.550  1.000 30.000 ? 1   G   BBB C6    1 ? 
ATOM   337 O  O6    . G   B 1 1  ? -9.149  -10.248 14.001  1.000 30.000 ? 1   G   BBB O6    1 ? 
ATOM   338 N  N1    . G   B 1 1  ? -7.424  -11.683 14.340  1.000 30.000 ? 1   G   BBB N1    1 ? 
ATOM   339 C  C2    . G   B 1 1  ? -6.229  -12.049 14.903  1.000 30.000 ? 1   G   BBB C2    1 ? 
ATOM   340 N  N2    . G   B 1 1  ? -5.773  -13.260 14.570  1.000 30.000 ? 1   G   BBB N2    1 ? 
ATOM   341 N  N3    . G   B 1 1  ? -5.536  -11.285 15.730  1.000 30.000 ? 1   G   BBB N3    1 ? 
ATOM   342 C  C4    . G   B 1 1  ? -6.144  -10.101 15.947  1.000 30.000 ? 1   G   BBB C4    1 ? 
ATOM   343 P  P     . G   B 1 2  ? -1.001  -7.037  14.640  1.000 30.000 ? 2   G   BBB P     1 ? 
ATOM   344 O  OP1   . G   B 1 2  ? 0.457   -6.783  14.714  1.000 30.000 ? 2   G   BBB OP1   1 ? 
ATOM   345 O  OP2   . G   B 1 2  ? -1.912  -5.874  14.510  1.000 30.000 ? 2   G   BBB OP2   1 ? 
ATOM   346 O  "O5'" . G   B 1 2  ? -1.066  -8.137  13.498  1.000 30.000 ? 2   G   BBB "O5'" 1 ? 
ATOM   347 C  "C5'" . G   B 1 2  ? 0.004   -9.101  13.420  1.000 30.000 ? 2   G   BBB "C5'" 1 ? 
ATOM   348 C  "C4'" . G   B 1 2  ? -0.534  -10.451 13.043  1.000 30.000 ? 2   G   BBB "C4'" 1 ? 
ATOM   349 O  "O4'" . G   B 1 2  ? -1.792  -10.693 13.728  1.000 30.000 ? 2   G   BBB "O4'" 1 ? 
ATOM   350 C  "C3'" . G   B 1 2  ? -0.912  -10.619 11.586  1.000 30.000 ? 2   G   BBB "C3'" 1 ? 
ATOM   351 O  "O3'" . G   B 1 2  ? 0.222   -10.887 10.809  1.000 30.000 ? 2   G   BBB "O3'" 1 ? 
ATOM   352 C  "C2'" . G   B 1 2  ? -1.808  -11.835 11.663  1.000 30.000 ? 2   G   BBB "C2'" 1 ? 
ATOM   353 O  "O2'" . G   B 1 2  ? -1.034  -12.995 11.873  1.000 30.000 ? 2   G   BBB "O2'" 1 ? 
ATOM   354 C  "C1'" . G   B 1 2  ? -2.624  -11.506 12.909  1.000 30.000 ? 2   G   BBB "C1'" 1 ? 
ATOM   355 N  N9    . G   B 1 2  ? -3.880  -10.808 12.630  1.000 30.000 ? 2   G   BBB N9    1 ? 
ATOM   356 C  C8    . G   B 1 2  ? -4.320  -9.604  13.134  1.000 30.000 ? 2   G   BBB C8    1 ? 
ATOM   357 N  N7    . G   B 1 2  ? -5.502  -9.265  12.692  1.000 30.000 ? 2   G   BBB N7    1 ? 
ATOM   358 C  C5    . G   B 1 2  ? -5.869  -10.313 11.859  1.000 30.000 ? 2   G   BBB C5    1 ? 
ATOM   359 C  C6    . G   B 1 2  ? -7.056  -10.519 11.104  1.000 30.000 ? 2   G   BBB C6    1 ? 
ATOM   360 O  O6    . G   B 1 2  ? -8.052  -9.790  11.010  1.000 30.000 ? 2   G   BBB O6    1 ? 
ATOM   361 N  N1    . G   B 1 2  ? -7.005  -11.709 10.388  1.000 30.000 ? 2   G   BBB N1    1 ? 
ATOM   362 C  C2    . G   B 1 2  ? -5.956  -12.595 10.403  1.000 30.000 ? 2   G   BBB C2    1 ? 
ATOM   363 N  N2    . G   B 1 2  ? -6.103  -13.694 9.655   1.000 30.000 ? 2   G   BBB N2    1 ? 
ATOM   364 N  N3    . G   B 1 2  ? -4.858  -12.428 11.119  1.000 30.000 ? 2   G   BBB N3    1 ? 
ATOM   365 C  C4    . G   B 1 2  ? -4.881  -11.275 11.816  1.000 30.000 ? 2   G   BBB C4    1 ? 
ATOM   366 P  P     . C   B 1 3  ? 0.700   -9.863  9.703   1.000 30.000 ? 3   C   BBB P     1 ? 
ATOM   367 O  OP1   . C   B 1 3  ? 2.183   -9.948  9.624   1.000 30.000 ? 3   C   BBB OP1   1 ? 
ATOM   368 O  OP2   . C   B 1 3  ? 0.050   -8.559  9.937   1.000 30.000 ? 3   C   BBB OP2   1 ? 
ATOM   369 O  "O5'" . C   B 1 3  ? 0.133   -10.504 8.370   1.000 30.000 ? 3   C   BBB "O5'" 1 ? 
ATOM   370 C  "C5'" . C   B 1 3  ? 0.576   -11.798 7.983   1.000 30.000 ? 3   C   BBB "C5'" 1 ? 
ATOM   371 C  "C4'" . C   B 1 3  ? -0.535  -12.504 7.270   1.000 30.000 ? 3   C   BBB "C4'" 1 ? 
ATOM   372 O  "O4'" . C   B 1 3  ? -1.687  -12.623 8.140   1.000 30.000 ? 3   C   BBB "O4'" 1 ? 
ATOM   373 C  "C3'" . C   B 1 3  ? -1.130  -11.769 6.090   1.000 30.000 ? 3   C   BBB "C3'" 1 ? 
ATOM   374 O  "O3'" . C   B 1 3  ? -0.215  -11.685 5.015   1.000 30.000 ? 3   C   BBB "O3'" 1 ? 
ATOM   375 C  "C2'" . C   B 1 3  ? -2.425  -12.546 5.894   1.000 30.000 ? 3   C   BBB "C2'" 1 ? 
ATOM   376 O  "O2'" . C   B 1 3  ? -2.421  -13.825 5.293   1.000 30.000 ? 3   C   BBB "O2'" 1 ? 
ATOM   377 C  "C1'" . C   B 1 3  ? -2.862  -12.717 7.348   1.000 30.000 ? 3   C   BBB "C1'" 1 ? 
ATOM   378 N  N1    . C   B 1 3  ? -3.772  -11.644 7.745   1.000 30.000 ? 3   C   BBB N1    1 ? 
ATOM   379 C  C2    . C   B 1 3  ? -5.032  -11.576 7.140   1.000 30.000 ? 3   C   BBB C2    1 ? 
ATOM   380 O  O2    . C   B 1 3  ? -5.350  -12.449 6.308   1.000 30.000 ? 3   C   BBB O2    1 ? 
ATOM   381 N  N3    . C   B 1 3  ? -5.874  -10.569 7.482   1.000 30.000 ? 3   C   BBB N3    1 ? 
ATOM   382 C  C4    . C   B 1 3  ? -5.487  -9.651  8.372   1.000 30.000 ? 3   C   BBB C4    1 ? 
ATOM   383 N  N4    . C   B 1 3  ? -6.350  -8.684  8.690   1.000 30.000 ? 3   C   BBB N4    1 ? 
ATOM   384 C  C5    . C   B 1 3  ? -4.205  -9.692  8.990   1.000 30.000 ? 3   C   BBB C5    1 ? 
ATOM   385 C  C6    . C   B 1 3  ? -3.386  -10.695 8.650   1.000 30.000 ? 3   C   BBB C6    1 ? 
ATOM   386 P  P     . A   B 1 4  ? -0.021  -10.302 4.238   1.000 30.000 ? 4   A   BBB P     1 ? 
ATOM   387 O  OP1   . A   B 1 4  ? 1.233   -10.397 3.447   1.000 30.000 ? 4   A   BBB OP1   1 ? 
ATOM   388 O  OP2   . A   B 1 4  ? -0.177  -9.195  5.217   1.000 30.000 ? 4   A   BBB OP2   1 ? 
ATOM   389 O  "O5'" . A   B 1 4  ? -1.194  -10.354 3.173   1.000 30.000 ? 4   A   BBB "O5'" 1 ? 
ATOM   390 C  "C5'" . A   B 1 4  ? -1.147  -11.402 2.209   1.000 30.000 ? 4   A   BBB "C5'" 1 ? 
ATOM   391 C  "C4'" . A   B 1 4  ? -2.515  -11.620 1.647   1.000 30.000 ? 4   A   BBB "C4'" 1 ? 
ATOM   392 O  "O4'" . A   B 1 4  ? -3.459  -11.796 2.732   1.000 30.000 ? 4   A   BBB "O4'" 1 ? 
ATOM   393 C  "C3'" . A   B 1 4  ? -3.083  -10.440 0.870   1.000 30.000 ? 4   A   BBB "C3'" 1 ? 
ATOM   394 O  "O3'" . A   B 1 4  ? -2.492  -10.412 -0.415  1.000 30.000 ? 4   A   BBB "O3'" 1 ? 
ATOM   395 C  "C2'" . A   B 1 4  ? -4.567  -10.743 0.923   1.000 30.000 ? 4   A   BBB "C2'" 1 ? 
ATOM   396 O  "O2'" . A   B 1 4  ? -4.903  -11.752 -0.015  1.000 30.000 ? 4   A   BBB "O2'" 1 ? 
ATOM   397 C  "C1'" . A   B 1 4  ? -4.697  -11.206 2.374   1.000 30.000 ? 4   A   BBB "C1'" 1 ? 
ATOM   398 N  N9    . A   B 1 4  ? -4.972  -10.139 3.328   1.000 30.000 ? 4   A   BBB N9    1 ? 
ATOM   399 C  C8    . A   B 1 4  ? -4.142  -9.611  4.283   1.000 30.000 ? 4   A   BBB C8    1 ? 
ATOM   400 N  N7    . A   B 1 4  ? -4.710  -8.690  5.024   1.000 30.000 ? 4   A   BBB N7    1 ? 
ATOM   401 C  C5    . A   B 1 4  ? -6.006  -8.620  4.533   1.000 30.000 ? 4   A   BBB C5    1 ? 
ATOM   402 C  C6    . A   B 1 4  ? -7.116  -7.837  4.895   1.000 30.000 ? 4   A   BBB C6    1 ? 
ATOM   403 N  N6    . A   B 1 4  ? -7.095  -6.928  5.871   1.000 30.000 ? 4   A   BBB N6    1 ? 
ATOM   404 N  N1    . A   B 1 4  ? -8.261  -8.012  4.201   1.000 30.000 ? 4   A   BBB N1    1 ? 
ATOM   405 C  C2    . A   B 1 4  ? -8.286  -8.925  3.224   1.000 30.000 ? 4   A   BBB C2    1 ? 
ATOM   406 N  N3    . A   B 1 4  ? -7.313  -9.725  2.795   1.000 30.000 ? 4   A   BBB N3    1 ? 
ATOM   407 C  C4    . A   B 1 4  ? -6.182  -9.513  3.493   1.000 30.000 ? 4   A   BBB C4    1 ? 
ATOM   408 P  P     . C   B 1 5  ? -1.874  -9.047  -0.955  1.000 30.000 ? 5   C   BBB P     1 ? 
ATOM   409 O  OP1   . C   B 1 5  ? -1.102  -9.381  -2.185  1.000 30.000 ? 5   C   BBB OP1   1 ? 
ATOM   410 O  OP2   . C   B 1 5  ? -1.203  -8.335  0.173   1.000 30.000 ? 5   C   BBB OP2   1 ? 
ATOM   411 O  "O5'" . C   B 1 5  ? -3.198  -8.237  -1.324  1.000 30.000 ? 5   C   BBB "O5'" 1 ? 
ATOM   412 C  "C5'" . C   B 1 5  ? -4.212  -8.913  -2.079  1.000 30.000 ? 5   C   BBB "C5'" 1 ? 
ATOM   413 C  "C4'" . C   B 1 5  ? -5.527  -8.185  -2.007  1.000 30.000 ? 5   C   BBB "C4'" 1 ? 
ATOM   414 O  "O4'" . C   B 1 5  ? -6.243  -8.487  -0.772  1.000 30.000 ? 5   C   BBB "O4'" 1 ? 
ATOM   415 C  "C3'" . C   B 1 5  ? -5.477  -6.672  -2.017  1.000 30.000 ? 5   C   BBB "C3'" 1 ? 
ATOM   416 O  "O3'" . C   B 1 5  ? -5.183  -6.297  -3.354  1.000 30.000 ? 5   C   BBB "O3'" 1 ? 
ATOM   417 C  "C2'" . C   B 1 5  ? -6.888  -6.368  -1.536  1.000 30.000 ? 5   C   BBB "C2'" 1 ? 
ATOM   418 O  "O2'" . C   B 1 5  ? -7.857  -6.740  -2.485  1.000 30.000 ? 5   C   BBB "O2'" 1 ? 
ATOM   419 C  "C1'" . C   B 1 5  ? -7.018  -7.366  -0.391  1.000 30.000 ? 5   C   BBB "C1'" 1 ? 
ATOM   420 N  N1    . C   B 1 5  ? -6.465  -6.826  0.844   1.000 30.000 ? 5   C   BBB N1    1 ? 
ATOM   421 C  C2    . C   B 1 5  ? -7.261  -5.985  1.611   1.000 30.000 ? 5   C   BBB C2    1 ? 
ATOM   422 O  O2    . C   B 1 5  ? -8.419  -5.755  1.236   1.000 30.000 ? 5   C   BBB O2    1 ? 
ATOM   423 N  N3    . C   B 1 5  ? -6.758  -5.442  2.739   1.000 30.000 ? 5   C   BBB N3    1 ? 
ATOM   424 C  C4    . C   B 1 5  ? -5.502  -5.704  3.097   1.000 30.000 ? 5   C   BBB C4    1 ? 
ATOM   425 N  N4    . C   B 1 5  ? -5.042  -5.155  4.221   1.000 30.000 ? 5   C   BBB N4    1 ? 
ATOM   426 C  C5    . C   B 1 5  ? -4.661  -6.551  2.322   1.000 30.000 ? 5   C   BBB C5    1 ? 
ATOM   427 C  C6    . C   B 1 5  ? -5.176  -7.077  1.208   1.000 30.000 ? 5   C   BBB C6    1 ? 
ATOM   428 P  P     . U   B 1 6  ? -4.432  -4.921  -3.696  1.000 30.000 ? 6   U   BBB P     1 ? 
ATOM   429 O  OP1   . U   B 1 6  ? -4.340  -4.832  -5.173  1.000 30.000 ? 6   U   BBB OP1   1 ? 
ATOM   430 O  OP2   . U   B 1 6  ? -3.199  -4.822  -2.843  1.000 30.000 ? 6   U   BBB OP2   1 ? 
ATOM   431 O  "O5'" . U   B 1 6  ? -5.492  -3.816  -3.266  1.000 30.000 ? 6   U   BBB "O5'" 1 ? 
ATOM   432 C  "C5'" . U   B 1 6  ? -6.559  -3.463  -4.152  1.000 30.000 ? 6   U   BBB "C5'" 1 ? 
ATOM   433 C  "C4'" . U   B 1 6  ? -7.414  -2.401  -3.517  1.000 30.000 ? 6   U   BBB "C4'" 1 ? 
ATOM   434 O  "O4'" . U   B 1 6  ? -7.977  -2.880  -2.273  1.000 30.000 ? 6   U   BBB "O4'" 1 ? 
ATOM   435 C  "C3'" . U   B 1 6  ? -6.692  -1.138  -3.098  1.000 30.000 ? 6   U   BBB "C3'" 1 ? 
ATOM   436 O  "O3'" . U   B 1 6  ? -6.581  -0.284  -4.208  1.000 30.000 ? 6   U   BBB "O3'" 1 ? 
ATOM   437 C  "C2'" . U   B 1 6  ? -7.691  -0.547  -2.133  1.000 30.000 ? 6   U   BBB "C2'" 1 ? 
ATOM   438 O  "O2'" . U   B 1 6  ? -8.799  -0.051  -2.831  1.000 30.000 ? 6   U   BBB "O2'" 1 ? 
ATOM   439 C  "C1'" . U   B 1 6  ? -8.148  -1.789  -1.393  1.000 30.000 ? 6   U   BBB "C1'" 1 ? 
ATOM   440 N  N1    . U   B 1 6  ? -7.318  -1.995  -0.209  1.000 30.000 ? 6   U   BBB N1    1 ? 
ATOM   441 C  C2    . U   B 1 6  ? -7.637  -1.235  0.890   1.000 30.000 ? 6   U   BBB C2    1 ? 
ATOM   442 O  O2    . U   B 1 6  ? -8.567  -0.458  0.902   1.000 30.000 ? 6   U   BBB O2    1 ? 
ATOM   443 N  N3    . U   B 1 6  ? -6.841  -1.438  1.984   1.000 30.000 ? 6   U   BBB N3    1 ? 
ATOM   444 C  C4    . U   B 1 6  ? -5.771  -2.296  2.085   1.000 30.000 ? 6   U   BBB C4    1 ? 
ATOM   445 O  O4    . U   B 1 6  ? -5.149  -2.358  3.141   1.000 30.000 ? 6   U   BBB O4    1 ? 
ATOM   446 C  C5    . U   B 1 6  ? -5.476  -3.026  0.887   1.000 30.000 ? 6   U   BBB C5    1 ? 
ATOM   447 C  C6    . U   B 1 6  ? -6.234  -2.843  -0.199  1.000 30.000 ? 6   U   BBB C6    1 ? 
ATOM   448 P  P     . G   B 1 7  ? -5.464  0.827   -4.266  1.000 30.000 ? 7   G   BBB P     1 ? 
ATOM   449 O  OP1   . G   B 1 7  ? -5.728  1.653   -5.482  1.000 30.000 ? 7   G   BBB OP1   1 ? 
ATOM   450 O  OP2   . G   B 1 7  ? -4.148  0.168   -4.124  1.000 30.000 ? 7   G   BBB OP2   1 ? 
ATOM   451 O  "O5'" . G   B 1 7  ? -5.730  1.690   -2.955  1.000 30.000 ? 7   G   BBB "O5'" 1 ? 
ATOM   452 C  "C5'" . G   B 1 7  ? -6.740  2.708   -2.938  1.000 30.000 ? 7   G   BBB "C5'" 1 ? 
ATOM   453 C  "C4'" . G   B 1 7  ? -6.678  3.446   -1.629  1.000 30.000 ? 7   G   BBB "C4'" 1 ? 
ATOM   454 O  "O4'" . G   B 1 7  ? -6.953  2.538   -0.531  1.000 30.000 ? 7   G   BBB "O4'" 1 ? 
ATOM   455 C  "C3'" . G   B 1 7  ? -5.333  4.052   -1.280  1.000 30.000 ? 7   G   BBB "C3'" 1 ? 
ATOM   456 O  "O3'" . G   B 1 7  ? -5.286  5.319   -1.902  1.000 30.000 ? 7   G   BBB "O3'" 1 ? 
ATOM   457 C  "C2'" . G   B 1 7  ? -5.430  4.175   0.231   1.000 30.000 ? 7   G   BBB "C2'" 1 ? 
ATOM   458 O  "O2'" . G   B 1 7  ? -6.244  5.236   0.682   1.000 30.000 ? 7   G   BBB "O2'" 1 ? 
ATOM   459 C  "C1'" . G   B 1 7  ? -6.143  2.878   0.583   1.000 30.000 ? 7   G   BBB "C1'" 1 ? 
ATOM   460 N  N9    . G   B 1 7  ? -5.211  1.788   0.803   1.000 30.000 ? 7   G   BBB N9    1 ? 
ATOM   461 C  C8    . G   B 1 7  ? -4.835  0.850   -0.123  1.000 30.000 ? 7   G   BBB C8    1 ? 
ATOM   462 N  N7    . G   B 1 7  ? -3.973  -0.009  0.343   1.000 30.000 ? 7   G   BBB N7    1 ? 
ATOM   463 C  C5    . G   B 1 7  ? -3.770  0.383   1.659   1.000 30.000 ? 7   G   BBB C5    1 ? 
ATOM   464 C  C6    . G   B 1 7  ? -2.949  -0.183  2.671   1.000 30.000 ? 7   G   BBB C6    1 ? 
ATOM   465 O  O6    . G   B 1 7  ? -2.217  -1.175  2.607   1.000 30.000 ? 7   G   BBB O6    1 ? 
ATOM   466 N  N1    . G   B 1 7  ? -3.044  0.525   3.860   1.000 30.000 ? 7   G   BBB N1    1 ? 
ATOM   467 C  C2    . G   B 1 7  ? -3.834  1.624   4.059   1.000 30.000 ? 7   G   BBB C2    1 ? 
ATOM   468 N  N2    . G   B 1 7  ? -3.779  2.167   5.280   1.000 30.000 ? 7   G   BBB N2    1 ? 
ATOM   469 N  N3    . G   B 1 7  ? -4.617  2.153   3.131   1.000 30.000 ? 7   G   BBB N3    1 ? 
ATOM   470 C  C4    . G   B 1 7  ? -4.533  1.485   1.962   1.000 30.000 ? 7   G   BBB C4    1 ? 
ATOM   471 P  P     . G   B 1 8  ? -3.951  5.858   -2.550  1.000 30.000 ? 8   G   BBB P     1 ? 
ATOM   472 O  OP1   . G   B 1 8  ? -4.096  5.785   -4.018  1.000 30.000 ? 8   G   BBB OP1   1 ? 
ATOM   473 O  OP2   . G   B 1 8  ? -2.807  5.232   -1.856  1.000 30.000 ? 8   G   BBB OP2   1 ? 
ATOM   474 O  "O5'" . G   B 1 8  ? -3.892  7.372   -2.054  1.000 30.000 ? 8   G   BBB "O5'" 1 ? 
ATOM   475 C  "C5'" . G   B 1 8  ? -5.050  8.225   -2.168  1.000 30.000 ? 8   G   BBB "C5'" 1 ? 
ATOM   476 C  "C4'" . G   B 1 8  ? -4.647  9.665   -1.977  1.000 30.000 ? 8   G   BBB "C4'" 1 ? 
ATOM   477 O  "O4'" . G   B 1 8  ? -4.275  9.875   -0.596  1.000 30.000 ? 8   G   BBB "O4'" 1 ? 
ATOM   478 C  "C3'" . G   B 1 8  ? -3.432  10.071  -2.789  1.000 30.000 ? 8   G   BBB "C3'" 1 ? 
ATOM   479 O  "O3'" . G   B 1 8  ? -3.837  10.681  -3.980  1.000 30.000 ? 8   G   BBB "O3'" 1 ? 
ATOM   480 C  "C2'" . G   B 1 8  ? -2.748  11.134  -1.946  1.000 30.000 ? 8   G   BBB "C2'" 1 ? 
ATOM   481 O  "O2'" . G   B 1 8  ? -3.141  12.433  -2.271  1.000 30.000 ? 8   G   BBB "O2'" 1 ? 
ATOM   482 C  "C1'" . G   B 1 8  ? -3.157  10.736  -0.532  1.000 30.000 ? 8   G   BBB "C1'" 1 ? 
ATOM   483 N  N9    . G   B 1 8  ? -2.079  10.038  0.150   1.000 30.000 ? 8   G   BBB N9    1 ? 
ATOM   484 C  C8    . G   B 1 8  ? -0.983  9.424   -0.409  1.000 30.000 ? 8   G   BBB C8    1 ? 
ATOM   485 N  N7    . G   B 1 8  ? -0.159  8.942   0.481   1.000 30.000 ? 8   G   BBB N7    1 ? 
ATOM   486 C  C5    . G   B 1 8  ? -0.757  9.240   1.697   1.000 30.000 ? 8   G   BBB C5    1 ? 
ATOM   487 C  C6    . G   B 1 8  ? -0.340  8.950   3.019   1.000 30.000 ? 8   G   BBB C6    1 ? 
ATOM   488 O  O6    . G   B 1 8  ? 0.684   8.352   3.392   1.000 30.000 ? 8   G   BBB O6    1 ? 
ATOM   489 N  N1    . G   B 1 8  ? -1.242  9.447   3.959   1.000 30.000 ? 8   G   BBB N1    1 ? 
ATOM   490 C  C2    . G   B 1 8  ? -2.405  10.122  3.662   1.000 30.000 ? 8   G   BBB C2    1 ? 
ATOM   491 N  N2    . G   B 1 8  ? -3.149  10.524  4.701   1.000 30.000 ? 8   G   BBB N2    1 ? 
ATOM   492 N  N3    . G   B 1 8  ? -2.814  10.376  2.432   1.000 30.000 ? 8   G   BBB N3    1 ? 
ATOM   493 C  C4    . G   B 1 8  ? -1.940  9.923   1.507   1.000 30.000 ? 8   G   BBB C4    1 ? 
ATOM   494 P  P     . A   B 1 9  ? -2.773  10.885  -5.097  1.000 30.000 ? 9   A   BBB P     1 ? 
ATOM   495 O  OP1   . A   B 1 9  ? -3.507  11.308  -6.301  1.000 30.000 ? 9   A   BBB OP1   1 ? 
ATOM   496 O  OP2   . A   B 1 9  ? -1.939  9.643   -5.190  1.000 30.000 ? 9   A   BBB OP2   1 ? 
ATOM   497 O  "O5'" . A   B 1 9  ? -1.836  12.034  -4.493  1.000 30.000 ? 9   A   BBB "O5'" 1 ? 
ATOM   498 C  "C5'" . A   B 1 9  ? -0.509  12.237  -5.031  1.000 30.000 ? 9   A   BBB "C5'" 1 ? 
ATOM   499 C  "C4'" . A   B 1 9  ? 0.092   13.515  -4.520  1.000 30.000 ? 9   A   BBB "C4'" 1 ? 
ATOM   500 O  "O4'" . A   B 1 9  ? -0.943  14.520  -4.461  1.000 30.000 ? 9   A   BBB "O4'" 1 ? 
ATOM   501 C  "C3'" . A   B 1 9  ? 0.699   13.453  -3.119  1.000 30.000 ? 9   A   BBB "C3'" 1 ? 
ATOM   502 O  "O3'" . A   B 1 9  ? 1.994   14.038  -3.116  1.000 30.000 ? 9   A   BBB "O3'" 1 ? 
ATOM   503 C  "C2'" . A   B 1 9  ? -0.299  14.218  -2.258  1.000 30.000 ? 9   A   BBB "C2'" 1 ? 
ATOM   504 O  "O2'" . A   B 1 9  ? 0.201   14.984  -1.185  1.000 30.000 ? 9   A   BBB "O2'" 1 ? 
ATOM   505 C  "C1'" . A   B 1 9  ? -0.824  15.230  -3.256  1.000 30.000 ? 9   A   BBB "C1'" 1 ? 
ATOM   506 N  N9    . A   B 1 9  ? -2.122  15.810  -2.906  1.000 30.000 ? 9   A   BBB N9    1 ? 
ATOM   507 C  C8    . A   B 1 9  ? -3.391  15.410  -3.253  1.000 30.000 ? 9   A   BBB C8    1 ? 
ATOM   508 N  N7    . A   B 1 9  ? -4.337  16.185  -2.777  1.000 30.000 ? 9   A   BBB N7    1 ? 
ATOM   509 C  C5    . A   B 1 9  ? -3.643  17.168  -2.087  1.000 30.000 ? 9   A   BBB C5    1 ? 
ATOM   510 C  C6    . A   B 1 9  ? -4.068  18.293  -1.371  1.000 30.000 ? 9   A   BBB C6    1 ? 
ATOM   511 N  N6    . A   B 1 9  ? -5.350  18.627  -1.213  1.000 30.000 ? 9   A   BBB N6    1 ? 
ATOM   512 N  N1    . A   B 1 9  ? -3.123  19.060  -0.788  1.000 30.000 ? 9   A   BBB N1    1 ? 
ATOM   513 C  C2    . A   B 1 9  ? -1.839  18.725  -0.946  1.000 30.000 ? 9   A   BBB C2    1 ? 
ATOM   514 N  N3    . A   B 1 9  ? -1.314  17.696  -1.600  1.000 30.000 ? 9   A   BBB N3    1 ? 
ATOM   515 C  C4    . A   B 1 9  ? -2.281  16.942  -2.147  1.000 30.000 ? 9   A   BBB C4    1 ? 
ATOM   516 P  P     . A   B 1 10 ? 3.252   13.107  -3.420  1.000 30.000 ? 10  A   BBB P     1 ? 
ATOM   517 O  OP1   . A   B 1 10 ? 4.481   13.941  -3.541  1.000 30.000 ? 10  A   BBB OP1   1 ? 
ATOM   518 O  OP2   . A   B 1 10 ? 2.839   12.176  -4.502  1.000 30.000 ? 10  A   BBB OP2   1 ? 
ATOM   519 O  "O5'" . A   B 1 10 ? 3.474   12.350  -2.040  1.000 30.000 ? 10  A   BBB "O5'" 1 ? 
ATOM   520 C  "C5'" . A   B 1 10 ? 3.489   13.086  -0.818  1.000 30.000 ? 10  A   BBB "C5'" 1 ? 
ATOM   521 C  "C4'" . A   B 1 10 ? 4.101   12.245  0.266   1.000 30.000 ? 10  A   BBB "C4'" 1 ? 
ATOM   522 O  "O4'" . A   B 1 10 ? 3.266   11.083  0.527   1.000 30.000 ? 10  A   BBB "O4'" 1 ? 
ATOM   523 C  "C3'" . A   B 1 10 ? 5.449   11.649  -0.087  1.000 30.000 ? 10  A   BBB "C3'" 1 ? 
ATOM   524 O  "O3'" . A   B 1 10 ? 6.474   12.616  0.053   1.000 30.000 ? 10  A   BBB "O3'" 1 ? 
ATOM   525 C  "C2'" . A   B 1 10 ? 5.515   10.464  0.862   1.000 30.000 ? 10  A   BBB "C2'" 1 ? 
ATOM   526 O  "O2'" . A   B 1 10 ? 5.821   10.894  2.162   1.000 30.000 ? 10  A   BBB "O2'" 1 ? 
ATOM   527 C  "C1'" . A   B 1 10 ? 4.080   9.955   0.803   1.000 30.000 ? 10  A   BBB "C1'" 1 ? 
ATOM   528 N  N9    . A   B 1 10 ? 3.835   8.957   -0.238  1.000 30.000 ? 10  A   BBB N9    1 ? 
ATOM   529 C  C8    . A   B 1 10 ? 3.139   9.101   -1.413  1.000 30.000 ? 10  A   BBB C8    1 ? 
ATOM   530 N  N7    . A   B 1 10 ? 3.072   8.002   -2.125  1.000 30.000 ? 10  A   BBB N7    1 ? 
ATOM   531 C  C5    . A   B 1 10 ? 3.758   7.070   -1.362  1.000 30.000 ? 10  A   BBB C5    1 ? 
ATOM   532 C  C6    . A   B 1 10 ? 4.044   5.710   -1.565  1.000 30.000 ? 10  A   BBB C6    1 ? 
ATOM   533 N  N6    . A   B 1 10 ? 3.651   5.024   -2.639  1.000 30.000 ? 10  A   BBB N6    1 ? 
ATOM   534 N  N1    . A   B 1 10 ? 4.757   5.068   -0.614  1.000 30.000 ? 10  A   BBB N1    1 ? 
ATOM   535 C  C2    . A   B 1 10 ? 5.149   5.756   0.465   1.000 30.000 ? 10  A   BBB C2    1 ? 
ATOM   536 N  N3    . A   B 1 10 ? 4.941   7.037   0.770   1.000 30.000 ? 10  A   BBB N3    1 ? 
ATOM   537 C  C4    . A   B 1 10 ? 4.232   7.643   -0.196  1.000 30.000 ? 10  A   BBB C4    1 ? 
ATOM   538 P  P     . G   B 1 11 ? 7.760   12.460  -0.850  1.000 30.000 ? 11  G   BBB P     1 ? 
ATOM   539 O  OP1   . G   B 1 11 ? 8.660   13.606  -0.573  1.000 30.000 ? 11  G   BBB OP1   1 ? 
ATOM   540 O  OP2   . G   B 1 11 ? 7.293   12.243  -2.250  1.000 30.000 ? 11  G   BBB OP2   1 ? 
ATOM   541 O  "O5'" . G   B 1 11 ? 8.399   11.123  -0.260  1.000 30.000 ? 11  G   BBB "O5'" 1 ? 
ATOM   542 C  "C5'" . G   B 1 11 ? 8.867   11.117  1.091   1.000 30.000 ? 11  G   BBB "C5'" 1 ? 
ATOM   543 C  "C4'" . G   B 1 11 ? 9.405   9.760   1.461   1.000 30.000 ? 11  G   BBB "C4'" 1 ? 
ATOM   544 O  "O4'" . G   B 1 11 ? 8.351   8.767   1.360   1.000 30.000 ? 11  G   BBB "O4'" 1 ? 
ATOM   545 C  "C3'" . G   B 1 11 ? 10.508  9.206   0.586   1.000 30.000 ? 11  G   BBB "C3'" 1 ? 
ATOM   546 O  "O3'" . G   B 1 11 ? 11.771  9.794   0.909   1.000 30.000 ? 11  G   BBB "O3'" 1 ? 
ATOM   547 C  "C2'" . G   B 1 11 ? 10.392  7.717   0.883   1.000 30.000 ? 11  G   BBB "C2'" 1 ? 
ATOM   548 O  "O2'" . G   B 1 11 ? 10.911  7.362   2.148   1.000 30.000 ? 11  G   BBB "O2'" 1 ? 
ATOM   549 C  "C1'" . G   B 1 11 ? 8.875   7.537   0.887   1.000 30.000 ? 11  G   BBB "C1'" 1 ? 
ATOM   550 N  N9    . G   B 1 11 ? 8.259   7.268   -0.413  1.000 30.000 ? 11  G   BBB N9    1 ? 
ATOM   551 C  C8    . G   B 1 11 ? 7.608   8.188   -1.202  1.000 30.000 ? 11  G   BBB C8    1 ? 
ATOM   552 N  N7    . G   B 1 11 ? 7.112   7.671   -2.293  1.000 30.000 ? 11  G   BBB N7    1 ? 
ATOM   553 C  C5    . G   B 1 11 ? 7.466   6.331   -2.230  1.000 30.000 ? 11  G   BBB C5    1 ? 
ATOM   554 C  C6    . G   B 1 11 ? 7.216   5.274   -3.143  1.000 30.000 ? 11  G   BBB C6    1 ? 
ATOM   555 O  O6    . G   B 1 11 ? 6.599   5.312   -4.212  1.000 30.000 ? 11  G   BBB O6    1 ? 
ATOM   556 N  N1    . G   B 1 11 ? 7.757   4.073   -2.695  1.000 30.000 ? 11  G   BBB N1    1 ? 
ATOM   557 C  C2    . G   B 1 11 ? 8.438   3.906   -1.514  1.000 30.000 ? 11  G   BBB C2    1 ? 
ATOM   558 N  N2    . G   B 1 11 ? 8.860   2.663   -1.247  1.000 30.000 ? 11  G   BBB N2    1 ? 
ATOM   559 N  N3    . G   B 1 11 ? 8.675   4.884   -0.650  1.000 30.000 ? 11  G   BBB N3    1 ? 
ATOM   560 C  C4    . G   B 1 11 ? 8.164   6.061   -1.070  1.000 30.000 ? 11  G   BBB C4    1 ? 
ATOM   561 P  P     . U   B 1 12 ? 12.860  10.112  -0.270  1.000 30.000 ? 12  U   BBB P     1 ? 
ATOM   562 O  OP1   . U   B 1 12 ? 13.993  10.829  0.373   1.000 30.000 ? 12  U   BBB OP1   1 ? 
ATOM   563 O  OP2   . U   B 1 12 ? 12.165  10.784  -1.385  1.000 30.000 ? 12  U   BBB OP2   1 ? 
ATOM   564 O  "O5'" . U   B 1 12 ? 13.316  8.636   -0.689  1.000 30.000 ? 12  U   BBB "O5'" 1 ? 
ATOM   565 C  "C5'" . U   B 1 12 ? 13.867  7.741   0.302   1.000 30.000 ? 12  U   BBB "C5'" 1 ? 
ATOM   566 C  "C4'" . U   B 1 12 ? 14.069  6.341   -0.238  1.000 30.000 ? 12  U   BBB "C4'" 1 ? 
ATOM   567 O  "O4'" . U   B 1 12 ? 12.810  5.617   -0.303  1.000 30.000 ? 12  U   BBB "O4'" 1 ? 
ATOM   568 C  "C3'" . U   B 1 12 ? 14.628  6.219   -1.643  1.000 30.000 ? 12  U   BBB "C3'" 1 ? 
ATOM   569 O  "O3'" . U   B 1 12 ? 16.014  6.504   -1.572  1.000 30.000 ? 12  U   BBB "O3'" 1 ? 
ATOM   570 C  "C2'" . U   B 1 12 ? 14.264  4.781   -1.971  1.000 30.000 ? 12  U   BBB "C2'" 1 ? 
ATOM   571 O  "O2'" . U   B 1 12 ? 15.173  3.863   -1.403  1.000 30.000 ? 12  U   BBB "O2'" 1 ? 
ATOM   572 C  "C1'" . U   B 1 12 ? 12.847  4.708   -1.397  1.000 30.000 ? 12  U   BBB "C1'" 1 ? 
ATOM   573 N  N1    . U   B 1 12 ? 11.873  5.128   -2.417  1.000 30.000 ? 12  U   BBB N1    1 ? 
ATOM   574 C  C2    . U   B 1 12 ? 11.598  4.230   -3.438  1.000 30.000 ? 12  U   BBB C2    1 ? 
ATOM   575 O  O2    . U   B 1 12 ? 12.074  3.107   -3.478  1.000 30.000 ? 12  U   BBB O2    1 ? 
ATOM   576 N  N3    . U   B 1 12 ? 10.744  4.698   -4.407  1.000 30.000 ? 12  U   BBB N3    1 ? 
ATOM   577 C  C4    . U   B 1 12 ? 10.161  5.948   -4.474  1.000 30.000 ? 12  U   BBB C4    1 ? 
ATOM   578 O  O4    . U   B 1 12 ? 9.419   6.221   -5.421  1.000 30.000 ? 12  U   BBB O4    1 ? 
ATOM   579 C  C5    . U   B 1 12 ? 10.499  6.820   -3.388  1.000 30.000 ? 12  U   BBB C5    1 ? 
ATOM   580 C  C6    . U   B 1 12 ? 11.339  6.397   -2.432  1.000 30.000 ? 12  U   BBB C6    1 ? 
ATOM   581 P  P     . G   B 1 13 ? 16.984  6.470   -2.876  1.000 30.000 ? 13  G   BBB P     1 ? 
ATOM   582 O  OP1   . G   B 1 13 ? 18.348  6.248   -2.311  1.000 30.000 ? 13  G   BBB OP1   1 ? 
ATOM   583 O  OP2   . G   B 1 13 ? 16.726  7.651   -3.732  1.000 30.000 ? 13  G   BBB OP2   1 ? 
ATOM   584 O  "O5'" . G   B 1 13 ? 16.418  5.280   -3.787  1.000 30.000 ? 13  G   BBB "O5'" 1 ? 
ATOM   585 C  "C5'" . G   B 1 13 ? 17.111  3.994   -3.888  1.000 30.000 ? 13  G   BBB "C5'" 1 ? 
ATOM   586 C  "C4'" . G   B 1 13 ? 16.599  3.131   -5.039  1.000 30.000 ? 13  G   BBB "C4'" 1 ? 
ATOM   587 O  "O4'" . G   B 1 13 ? 15.151  2.950   -4.955  1.000 30.000 ? 13  G   BBB "O4'" 1 ? 
ATOM   588 C  "C3'" . G   B 1 13 ? 16.851  3.649   -6.455  1.000 30.000 ? 13  G   BBB "C3'" 1 ? 
ATOM   589 O  "O3'" . G   B 1 13 ? 18.166  3.408   -6.968  1.000 30.000 ? 13  G   BBB "O3'" 1 ? 
ATOM   590 C  "C2'" . G   B 1 13 ? 15.791  2.917   -7.278  1.000 30.000 ? 13  G   BBB "C2'" 1 ? 
ATOM   591 O  "O2'" . G   B 1 13 ? 16.205  1.757   -7.981  1.000 30.000 ? 13  G   BBB "O2'" 1 ? 
ATOM   592 C  "C1'" . G   B 1 13 ? 14.638  2.757   -6.264  1.000 30.000 ? 13  G   BBB "C1'" 1 ? 
ATOM   593 N  N9    . G   B 1 13 ? 13.645  3.785   -6.542  1.000 30.000 ? 13  G   BBB N9    1 ? 
ATOM   594 C  C8    . G   B 1 13 ? 13.593  5.047   -6.007  1.000 30.000 ? 13  G   BBB C8    1 ? 
ATOM   595 N  N7    . G   B 1 13 ? 12.672  5.795   -6.553  1.000 30.000 ? 13  G   BBB N7    1 ? 
ATOM   596 C  C5    . G   B 1 13 ? 12.126  4.996   -7.549  1.000 30.000 ? 13  G   BBB C5    1 ? 
ATOM   597 C  C6    . G   B 1 13 ? 11.080  5.264   -8.474  1.000 30.000 ? 13  G   BBB C6    1 ? 
ATOM   598 O  O6    . G   B 1 13 ? 10.409  6.294   -8.602  1.000 30.000 ? 13  G   BBB O6    1 ? 
ATOM   599 N  N1    . G   B 1 13 ? 10.828  4.169   -9.291  1.000 30.000 ? 13  G   BBB N1    1 ? 
ATOM   600 C  C2    . G   B 1 13 ? 11.494  2.973   -9.230  1.000 30.000 ? 13  G   BBB C2    1 ? 
ATOM   601 N  N2    . G   B 1 13 ? 11.104  2.037   -10.107 1.000 30.000 ? 13  G   BBB N2    1 ? 
ATOM   602 N  N3    . G   B 1 13 ? 12.475  2.712   -8.380  1.000 30.000 ? 13  G   BBB N3    1 ? 
ATOM   603 C  C4    . G   B 1 13 ? 12.729  3.759   -7.568  1.000 30.000 ? 13  G   BBB C4    1 ? 
ATOM   604 P  P     . C   B 1 14 ? 18.708  4.237   -8.305  1.000 30.000 ? 14  C   BBB P     1 ? 
ATOM   605 O  OP1   . C   B 1 14 ? 20.096  3.807   -8.616  1.000 30.000 ? 14  C   BBB OP1   1 ? 
ATOM   606 O  OP2   . C   B 1 14 ? 18.384  5.683   -8.163  1.000 30.000 ? 14  C   BBB OP2   1 ? 
ATOM   607 O  "O5'" . C   B 1 14 ? 17.811  3.677   -9.496  1.000 30.000 ? 14  C   BBB "O5'" 1 ? 
ATOM   608 C  "C5'" . C   B 1 14 ? 18.334  2.759   -10.473 1.000 30.000 ? 14  C   BBB "C5'" 1 ? 
ATOM   609 C  "C4'" . C   B 1 14 ? 17.214  2.252   -11.364 1.000 30.000 ? 14  C   BBB "C4'" 1 ? 
ATOM   610 O  "O4'" . C   B 1 14 ? 15.900  2.405   -10.741 1.000 30.000 ? 14  C   BBB "O4'" 1 ? 
ATOM   611 C  "C3'" . C   B 1 14 ? 17.078  2.985   -12.681 1.000 30.000 ? 14  C   BBB "C3'" 1 ? 
ATOM   612 O  "O3'" . C   B 1 14 ? 17.981  2.447   -13.609 1.000 30.000 ? 14  C   BBB "O3'" 1 ? 
ATOM   613 C  "C2'" . C   B 1 14 ? 15.659  2.663   -13.101 1.000 30.000 ? 14  C   BBB "C2'" 1 ? 
ATOM   614 O  "O2'" . C   B 1 14 ? 15.625  1.438   -13.786 1.000 30.000 ? 14  C   BBB "O2'" 1 ? 
ATOM   615 C  "C1'" . C   B 1 14 ? 14.929  2.661   -11.757 1.000 30.000 ? 14  C   BBB "C1'" 1 ? 
ATOM   616 N  N1    . C   B 1 14 ? 14.283  3.965   -11.504 1.000 30.000 ? 14  C   BBB N1    1 ? 
ATOM   617 C  C2    . C   B 1 14 ? 12.983  4.174   -11.978 1.000 30.000 ? 14  C   BBB C2    1 ? 
ATOM   618 O  O2    . C   B 1 14 ? 12.393  3.242   -12.544 1.000 30.000 ? 14  C   BBB O2    1 ? 
ATOM   619 N  N3    . C   B 1 14 ? 12.394  5.374   -11.782 1.000 30.000 ? 14  C   BBB N3    1 ? 
ATOM   620 C  C4    . C   B 1 14 ? 13.066  6.353   -11.172 1.000 30.000 ? 14  C   BBB C4    1 ? 
ATOM   621 N  N4    . C   B 1 14 ? 12.453  7.525   -11.012 1.000 30.000 ? 14  C   BBB N4    1 ? 
ATOM   622 C  C5    . C   B 1 14 ? 14.399  6.176   -10.703 1.000 30.000 ? 14  C   BBB C5    1 ? 
ATOM   623 C  C6    . C   B 1 14 ? 14.965  4.980   -10.893 1.000 30.000 ? 14  C   BBB C6    1 ? 
ATOM   624 P  P     . C   B 1 15 ? 18.407  3.348   -14.805 1.000 30.000 ? 15  C   BBB P     1 ? 
ATOM   625 O  OP1   . C   B 1 15 ? 19.384  2.587   -15.630 1.000 30.000 ? 15  C   BBB OP1   1 ? 
ATOM   626 O  OP2   . C   B 1 15 ? 18.774  4.684   -14.273 1.000 30.000 ? 15  C   BBB OP2   1 ? 
ATOM   627 O  "O5'" . C   B 1 15 ? 17.033  3.528   -15.587 1.000 30.000 ? 15  C   BBB "O5'" 1 ? 
ATOM   628 C  "C5'" . C   B 1 15 ? 16.622  2.575   -16.579 1.000 30.000 ? 15  C   BBB "C5'" 1 ? 
ATOM   629 C  "C4'" . C   B 1 15 ? 15.305  2.987   -17.210 1.000 30.000 ? 15  C   BBB "C4'" 1 ? 
ATOM   630 O  "O4'" . C   B 1 15 ? 14.375  3.485   -16.205 1.000 30.000 ? 15  C   BBB "O4'" 1 ? 
ATOM   631 C  "C3'" . C   B 1 15 ? 15.396  4.092   -18.254 1.000 30.000 ? 15  C   BBB "C3'" 1 ? 
ATOM   632 O  "O3'" . C   B 1 15 ? 15.710  3.526   -19.534 1.000 30.000 ? 15  C   BBB "O3'" 1 ? 
ATOM   633 C  "C2'" . C   B 1 15 ? 13.983  4.683   -18.237 1.000 30.000 ? 15  C   BBB "C2'" 1 ? 
ATOM   634 O  "O2'" . C   B 1 15 ? 13.095  3.998   -19.096 1.000 30.000 ? 15  C   BBB "O2'" 1 ? 
ATOM   635 C  "C1'" . C   B 1 15 ? 13.529  4.460   -16.787 1.000 30.000 ? 15  C   BBB "C1'" 1 ? 
ATOM   636 N  N1    . C   B 1 15 ? 13.522  5.686   -15.950 1.000 30.000 ? 15  C   BBB N1    1 ? 
ATOM   637 C  C2    . C   B 1 15 ? 12.417  6.536   -16.045 1.000 30.000 ? 15  C   BBB C2    1 ? 
ATOM   638 O  O2    . C   B 1 15 ? 11.498  6.233   -16.814 1.000 30.000 ? 15  C   BBB O2    1 ? 
ATOM   639 N  N3    . C   B 1 15 ? 12.381  7.666   -15.302 1.000 30.000 ? 15  C   BBB N3    1 ? 
ATOM   640 C  C4    . C   B 1 15 ? 13.398  7.960   -14.489 1.000 30.000 ? 15  C   BBB C4    1 ? 
ATOM   641 N  N4    . C   B 1 15 ? 13.313  9.076   -13.764 1.000 30.000 ? 15  C   BBB N4    1 ? 
ATOM   642 C  C5    . C   B 1 15 ? 14.542  7.116   -14.378 1.000 30.000 ? 15  C   BBB C5    1 ? 
ATOM   643 C  C6    . C   B 1 15 ? 14.563  5.999   -15.119 1.000 30.000 ? 15  C   BBB C6    1 ? 
HETATM 644 CO CO    . NCO C 2 .  ? -0.221  -1.316  -1.177  1.000 30.000 ? 100 NCO AAA CO    1 ? 
HETATM 645 N  N1    . NCO C 2 .  ? -1.936  -2.182  -0.707  1.000 30.000 ? 100 NCO AAA N1    1 ? 
HETATM 646 N  N2    . NCO C 2 .  ? 1.432   -0.357  -1.754  1.000 30.000 ? 100 NCO AAA N2    1 ? 
HETATM 647 N  N3    . NCO C 2 .  ? 0.782   -2.894  -0.493  1.000 30.000 ? 100 NCO AAA N3    1 ? 
HETATM 648 N  N4    . NCO C 2 .  ? -0.022  -0.485  0.637   1.000 30.000 ? 100 NCO AAA N4    1 ? 
HETATM 649 N  N5    . NCO C 2 .  ? -1.345  0.168   -1.898  1.000 30.000 ? 100 NCO AAA N5    1 ? 
HETATM 650 N  N6    . NCO C 2 .  ? -0.212  -2.105  -2.987  1.000 30.000 ? 100 NCO AAA N6    1 ? 
HETATM 651 O  O     . HOH D 3 .  ? -9.237  -6.491  9.847   1.000 30.000 ? 201 HOH AAA O     1 ? 
HETATM 652 O  O     . HOH D 3 .  ? -8.292  -3.623  9.319   1.000 30.000 ? 202 HOH AAA O     1 ? 
HETATM 653 O  O     . HOH D 3 .  ? 7.387   -8.948  -1.649  1.000 30.000 ? 203 HOH AAA O     1 ? 
HETATM 654 O  O     . HOH D 3 .  ? -21.352 -8.336  3.629   1.000 30.000 ? 204 HOH AAA O     1 ? 
HETATM 655 O  O     . HOH E 3 .  ? 17.453  0.067   -9.105  1.000 30.000 ? 101 HOH BBB O     1 ? 
HETATM 656 O  O     . HOH E 3 .  ? -2.767  -5.536  -0.600  1.000 30.000 ? 102 HOH BBB O     1 ? 
# 
